data_2VGR
#
_entry.id   2VGR
#
_cell.length_a   53.990
_cell.length_b   70.040
_cell.length_c   81.670
_cell.angle_alpha   75.53
_cell.angle_beta   70.74
_cell.angle_gamma   71.13
#
_symmetry.space_group_name_H-M   'P 1'
#
loop_
_entity.id
_entity.type
_entity.pdbx_description
1 polymer 'CYANOBACTERIAL PHYCOERYTHROBILIN'
2 non-polymer 'BILIVERDINE IX ALPHA'
3 water water
#
_entity_poly.entity_id   1
_entity_poly.type   'polypeptide(L)'
_entity_poly.pdbx_seq_one_letter_code
;MTKNPRNNKPKKILDSSYKSKTIWQNYIDALFETFPQLEISEVWAKWDGGNVTKDGGDAKLTANIRTGEHFLKAREAHIV
DPNSDIYNTILYPKTGADLPCFGMDLMKFSDKKVIIVFDFQHPREKYLFSVDGLPEDDGKYRFFEMGNHFSKNIFVRYCK
PDEVDQYLDTFKLYLTKYKEMIDNNKPVGEDTTVYSDFDTYMTELDPVRGYMKNKFGEGRSEAFVNDFLFSYK
;
_entity_poly.pdbx_strand_id   A,B,C,D
#
loop_
_chem_comp.id
_chem_comp.type
_chem_comp.name
_chem_comp.formula
BLA non-polymer 'BILIVERDINE IX ALPHA' 'C33 H34 N4 O6'
#
# COMPACT_ATOMS: atom_id res chain seq x y z
N LYS A 21 21.88 -29.74 0.46
CA LYS A 21 20.90 -29.06 1.37
C LYS A 21 20.15 -27.91 0.66
N THR A 22 19.36 -27.15 1.42
CA THR A 22 18.44 -26.13 0.88
C THR A 22 18.80 -24.76 1.44
N ILE A 23 18.57 -23.72 0.65
CA ILE A 23 18.68 -22.36 1.15
C ILE A 23 17.57 -22.09 2.18
N TRP A 24 16.56 -22.94 2.14
CA TRP A 24 15.35 -22.77 2.91
C TRP A 24 15.39 -23.29 4.33
N GLN A 25 16.45 -24.00 4.72
CA GLN A 25 16.51 -24.70 6.02
C GLN A 25 16.19 -23.86 7.24
N ASN A 26 16.47 -22.56 7.17
CA ASN A 26 16.19 -21.71 8.31
C ASN A 26 14.70 -21.39 8.43
N TYR A 27 14.01 -21.25 7.29
CA TYR A 27 12.54 -21.21 7.31
C TYR A 27 11.96 -22.55 7.81
N ILE A 28 12.46 -23.66 7.26
CA ILE A 28 11.89 -24.95 7.60
C ILE A 28 12.04 -25.18 9.09
N ASP A 29 13.22 -24.85 9.63
CA ASP A 29 13.46 -25.02 11.07
C ASP A 29 12.56 -24.14 11.93
N ALA A 30 12.37 -22.89 11.55
CA ALA A 30 11.54 -21.99 12.33
C ALA A 30 10.12 -22.53 12.29
N LEU A 31 9.70 -23.11 11.17
CA LEU A 31 8.33 -23.60 11.09
C LEU A 31 8.05 -24.64 12.16
N PHE A 32 8.86 -25.69 12.19
CA PHE A 32 8.68 -26.78 13.16
C PHE A 32 9.21 -26.51 14.57
N GLU A 33 9.90 -25.38 14.76
CA GLU A 33 10.18 -24.84 16.10
C GLU A 33 8.92 -24.25 16.70
N THR A 34 8.16 -23.51 15.90
CA THR A 34 6.89 -23.01 16.34
C THR A 34 5.84 -24.10 16.48
N PHE A 35 5.88 -25.10 15.60
CA PHE A 35 4.88 -26.17 15.64
C PHE A 35 5.52 -27.53 15.75
N PRO A 36 6.14 -27.82 16.92
CA PRO A 36 6.76 -29.13 17.19
C PRO A 36 5.81 -30.32 17.12
N GLN A 37 4.50 -30.09 17.20
CA GLN A 37 3.54 -31.19 17.12
C GLN A 37 3.40 -31.80 15.71
N LEU A 38 3.94 -31.15 14.70
CA LEU A 38 3.69 -31.62 13.34
C LEU A 38 4.61 -32.78 12.94
N GLU A 39 4.16 -34.00 13.25
CA GLU A 39 4.89 -35.23 12.93
C GLU A 39 4.45 -35.78 11.59
N ILE A 40 5.41 -36.25 10.78
CA ILE A 40 5.09 -36.95 9.54
C ILE A 40 4.18 -38.11 9.86
N SER A 41 3.06 -38.18 9.16
CA SER A 41 2.18 -39.32 9.30
C SER A 41 2.03 -40.09 7.97
N GLU A 42 2.48 -39.47 6.88
CA GLU A 42 2.51 -40.16 5.60
C GLU A 42 3.58 -39.54 4.72
N VAL A 43 4.50 -40.36 4.23
CA VAL A 43 5.35 -39.93 3.14
C VAL A 43 4.61 -40.23 1.84
N TRP A 44 3.94 -39.21 1.28
CA TRP A 44 3.08 -39.35 0.10
C TRP A 44 3.82 -39.74 -1.20
N ALA A 45 4.98 -39.12 -1.43
CA ALA A 45 5.84 -39.37 -2.59
C ALA A 45 7.27 -39.02 -2.24
N LYS A 46 8.19 -39.89 -2.66
CA LYS A 46 9.60 -39.59 -2.90
C LYS A 46 9.84 -39.99 -4.34
N TRP A 47 9.97 -38.98 -5.20
CA TRP A 47 10.08 -39.19 -6.63
C TRP A 47 11.37 -38.62 -7.21
N ASP A 48 11.95 -39.35 -8.16
CA ASP A 48 13.04 -38.86 -9.00
C ASP A 48 12.48 -38.65 -10.42
N GLY A 49 12.94 -37.59 -11.08
CA GLY A 49 12.52 -37.24 -12.44
C GLY A 49 13.51 -36.25 -13.06
N GLY A 50 13.03 -35.43 -13.99
CA GLY A 50 13.90 -34.54 -14.75
C GLY A 50 14.88 -35.28 -15.66
N ASN A 51 16.08 -34.71 -15.81
CA ASN A 51 17.14 -35.32 -16.60
C ASN A 51 17.78 -36.53 -15.96
N VAL A 52 18.20 -37.46 -16.80
CA VAL A 52 18.84 -38.71 -16.35
C VAL A 52 20.35 -38.51 -16.21
N GLY A 56 21.39 -40.84 -12.60
CA GLY A 56 20.11 -40.76 -11.90
C GLY A 56 19.24 -39.60 -12.34
N GLY A 57 18.08 -39.46 -11.71
CA GLY A 57 17.18 -38.33 -11.97
C GLY A 57 17.69 -37.07 -11.29
N ASP A 58 17.69 -35.95 -11.99
CA ASP A 58 18.23 -34.71 -11.42
C ASP A 58 17.17 -33.83 -10.75
N ALA A 59 15.90 -34.24 -10.85
CA ALA A 59 14.78 -33.60 -10.16
C ALA A 59 14.34 -34.53 -9.04
N LYS A 60 14.17 -33.97 -7.84
CA LYS A 60 13.70 -34.71 -6.66
C LYS A 60 12.45 -34.09 -5.98
N LEU A 61 11.37 -34.88 -5.87
CA LEU A 61 10.21 -34.49 -5.03
C LEU A 61 10.17 -35.23 -3.71
N THR A 62 10.06 -34.48 -2.63
CA THR A 62 9.65 -35.03 -1.34
C THR A 62 8.28 -34.42 -1.06
N ALA A 63 7.29 -35.29 -0.87
CA ALA A 63 5.93 -34.90 -0.53
C ALA A 63 5.64 -35.55 0.79
N ASN A 64 5.37 -34.73 1.80
CA ASN A 64 5.11 -35.18 3.17
C ASN A 64 3.78 -34.66 3.65
N ILE A 65 3.07 -35.49 4.40
CA ILE A 65 1.94 -35.00 5.18
C ILE A 65 2.17 -35.26 6.64
N ARG A 66 1.88 -34.23 7.41
CA ARG A 66 2.19 -34.19 8.83
C ARG A 66 0.91 -33.90 9.57
N THR A 67 0.73 -34.55 10.71
CA THR A 67 -0.39 -34.24 11.58
C THR A 67 0.11 -33.84 12.96
N GLY A 68 -0.81 -33.45 13.83
CA GLY A 68 -0.45 -33.00 15.17
C GLY A 68 -1.54 -32.15 15.79
N GLU A 69 -1.36 -31.86 17.07
CA GLU A 69 -2.39 -31.19 17.83
C GLU A 69 -2.76 -29.85 17.20
N HIS A 70 -4.07 -29.67 17.00
CA HIS A 70 -4.74 -28.47 16.46
C HIS A 70 -4.74 -28.38 14.94
N PHE A 71 -4.19 -29.39 14.27
CA PHE A 71 -4.15 -29.41 12.81
C PHE A 71 -4.84 -30.57 12.13
N LEU A 72 -5.53 -30.27 11.01
CA LEU A 72 -6.04 -31.32 10.13
C LEU A 72 -4.85 -31.94 9.43
N LYS A 73 -4.05 -31.11 8.77
CA LYS A 73 -2.75 -31.54 8.22
C LYS A 73 -1.82 -30.35 7.99
N ALA A 74 -0.55 -30.66 7.84
CA ALA A 74 0.45 -29.80 7.21
C ALA A 74 0.93 -30.59 5.99
N ARG A 75 0.74 -30.02 4.81
CA ARG A 75 1.20 -30.74 3.65
C ARG A 75 2.38 -30.01 3.06
N GLU A 76 3.46 -30.77 2.94
CA GLU A 76 4.78 -30.24 2.71
C GLU A 76 5.34 -30.81 1.42
N ALA A 77 5.44 -29.98 0.38
CA ALA A 77 6.07 -30.36 -0.86
C ALA A 77 7.43 -29.70 -0.94
N HIS A 78 8.42 -30.47 -1.35
CA HIS A 78 9.76 -29.93 -1.53
C HIS A 78 10.42 -30.52 -2.78
N ILE A 79 10.51 -29.68 -3.81
CA ILE A 79 11.07 -30.05 -5.12
C ILE A 79 12.42 -29.35 -5.30
N VAL A 80 13.44 -30.11 -5.69
CA VAL A 80 14.78 -29.55 -5.95
C VAL A 80 15.36 -30.16 -7.24
N ASP A 81 15.91 -29.33 -8.10
CA ASP A 81 16.77 -29.86 -9.16
C ASP A 81 18.07 -29.05 -9.19
N PRO A 82 18.91 -29.19 -10.26
CA PRO A 82 20.13 -28.37 -10.25
C PRO A 82 19.86 -26.86 -10.16
N ASN A 83 18.85 -26.35 -10.87
CA ASN A 83 18.51 -24.91 -10.83
C ASN A 83 17.42 -24.50 -9.82
N SER A 84 16.42 -25.36 -9.61
CA SER A 84 15.24 -25.06 -8.79
C SER A 84 15.30 -25.57 -7.36
N ASP A 85 14.74 -24.77 -6.46
CA ASP A 85 14.56 -25.15 -5.08
C ASP A 85 13.26 -24.58 -4.52
N ILE A 86 12.23 -25.43 -4.47
CA ILE A 86 10.89 -24.99 -4.14
C ILE A 86 10.35 -25.69 -2.90
N TYR A 87 9.97 -24.89 -1.90
CA TYR A 87 9.30 -25.40 -0.72
C TYR A 87 7.91 -24.82 -0.57
N ASN A 88 6.94 -25.69 -0.68
CA ASN A 88 5.55 -25.31 -0.64
C ASN A 88 4.82 -26.05 0.46
N THR A 89 4.33 -25.30 1.43
CA THR A 89 3.77 -25.93 2.58
C THR A 89 2.51 -25.21 3.08
N ILE A 90 1.41 -25.94 3.21
CA ILE A 90 0.24 -25.37 3.87
C ILE A 90 -0.12 -26.07 5.18
N LEU A 91 -0.29 -25.28 6.24
CA LEU A 91 -0.84 -25.76 7.50
C LEU A 91 -2.35 -25.55 7.48
N TYR A 92 -3.11 -26.65 7.52
CA TYR A 92 -4.58 -26.60 7.62
C TYR A 92 -4.97 -26.87 9.06
N PRO A 93 -5.50 -25.86 9.77
CA PRO A 93 -5.83 -26.19 11.15
C PRO A 93 -7.16 -26.97 11.20
N LYS A 94 -7.41 -27.61 12.34
CA LYS A 94 -8.75 -28.13 12.57
C LYS A 94 -9.81 -27.02 12.42
N THR A 95 -11.00 -27.42 11.97
CA THR A 95 -12.06 -26.46 11.74
C THR A 95 -12.77 -26.24 13.08
N GLY A 96 -13.73 -25.32 13.11
CA GLY A 96 -14.46 -24.99 14.34
C GLY A 96 -14.17 -23.63 14.95
N ALA A 97 -13.09 -22.98 14.52
CA ALA A 97 -12.68 -21.70 15.05
C ALA A 97 -12.50 -20.62 13.97
N ASP A 98 -13.09 -20.81 12.78
CA ASP A 98 -12.97 -19.84 11.68
C ASP A 98 -11.49 -19.42 11.36
N LEU A 99 -10.53 -20.22 11.80
CA LEU A 99 -9.09 -19.97 11.55
C LEU A 99 -8.67 -20.08 10.07
N PRO A 100 -7.71 -19.23 9.64
CA PRO A 100 -7.10 -19.34 8.32
C PRO A 100 -6.04 -20.45 8.27
N CYS A 101 -5.70 -20.90 7.06
CA CYS A 101 -4.49 -21.71 6.88
C CYS A 101 -3.27 -20.78 6.94
N PHE A 102 -2.10 -21.35 7.17
CA PHE A 102 -0.86 -20.64 6.90
C PHE A 102 -0.17 -21.29 5.69
N GLY A 103 0.01 -20.51 4.64
CA GLY A 103 0.60 -20.99 3.40
C GLY A 103 1.93 -20.32 3.16
N MET A 104 2.86 -21.07 2.58
CA MET A 104 4.19 -20.59 2.22
C MET A 104 4.69 -21.21 0.90
N ASP A 105 5.18 -20.36 -0.01
CA ASP A 105 5.75 -20.78 -1.27
C ASP A 105 7.11 -20.12 -1.39
N LEU A 106 8.12 -20.89 -1.05
CA LEU A 106 9.49 -20.44 -1.11
C LEU A 106 10.07 -20.99 -2.41
N MET A 107 10.33 -20.10 -3.36
CA MET A 107 10.65 -20.55 -4.70
C MET A 107 11.99 -20.00 -5.18
N LYS A 108 12.99 -20.87 -5.29
CA LYS A 108 14.25 -20.47 -5.90
C LYS A 108 14.30 -21.08 -7.30
N PHE A 109 14.22 -20.26 -8.33
CA PHE A 109 14.23 -20.76 -9.70
C PHE A 109 15.63 -20.86 -10.31
N SER A 110 16.39 -19.78 -10.18
CA SER A 110 17.75 -19.70 -10.67
C SER A 110 18.59 -19.22 -9.50
N ASP A 111 19.88 -18.95 -9.74
CA ASP A 111 20.75 -18.51 -8.66
C ASP A 111 20.83 -16.98 -8.49
N LYS A 112 19.95 -16.27 -9.20
CA LYS A 112 19.69 -14.88 -8.87
C LYS A 112 18.18 -14.54 -8.86
N LYS A 113 17.34 -15.56 -8.97
CA LYS A 113 15.88 -15.41 -8.89
C LYS A 113 15.24 -16.28 -7.80
N VAL A 114 14.82 -15.64 -6.70
CA VAL A 114 13.93 -16.29 -5.74
C VAL A 114 12.67 -15.46 -5.50
N ILE A 115 11.56 -16.15 -5.24
CA ILE A 115 10.33 -15.53 -4.76
C ILE A 115 9.91 -16.15 -3.43
N ILE A 116 9.62 -15.30 -2.45
CA ILE A 116 9.16 -15.70 -1.13
C ILE A 116 7.71 -15.27 -0.88
N VAL A 117 6.85 -16.26 -0.69
CA VAL A 117 5.43 -16.01 -0.45
C VAL A 117 4.99 -16.67 0.86
N PHE A 118 4.41 -15.88 1.77
CA PHE A 118 3.70 -16.42 2.94
C PHE A 118 2.50 -15.58 3.40
N ASP A 119 1.45 -16.26 3.84
CA ASP A 119 0.20 -15.59 4.21
C ASP A 119 -0.68 -16.47 5.07
N PHE A 120 -1.58 -15.82 5.82
CA PHE A 120 -2.74 -16.47 6.42
C PHE A 120 -3.78 -16.53 5.35
N GLN A 121 -4.18 -17.75 4.97
CA GLN A 121 -5.05 -17.94 3.82
C GLN A 121 -6.40 -18.47 4.28
N HIS A 122 -7.41 -17.62 4.17
CA HIS A 122 -8.64 -17.90 4.86
C HIS A 122 -9.51 -18.74 3.95
N PRO A 123 -10.21 -19.77 4.49
CA PRO A 123 -11.09 -20.62 3.70
C PRO A 123 -12.36 -19.92 3.17
N ARG A 124 -12.77 -18.85 3.83
CA ARG A 124 -13.98 -18.12 3.47
C ARG A 124 -13.69 -17.26 2.25
N GLU A 125 -14.32 -17.53 1.11
CA GLU A 125 -14.08 -16.73 -0.11
C GLU A 125 -14.49 -15.25 0.02
N LYS A 126 -13.82 -14.40 -0.74
CA LYS A 126 -14.15 -12.97 -0.91
C LYS A 126 -13.79 -12.07 0.28
N TYR A 127 -13.39 -12.72 1.37
CA TYR A 127 -13.28 -12.15 2.69
C TYR A 127 -11.87 -11.65 2.93
N LEU A 128 -11.76 -10.45 3.47
CA LEU A 128 -10.45 -9.92 3.80
C LEU A 128 -10.14 -10.14 5.28
N PHE A 129 -9.13 -10.96 5.52
CA PHE A 129 -8.62 -11.23 6.87
C PHE A 129 -7.37 -10.37 7.08
N SER A 130 -7.12 -9.94 8.31
CA SER A 130 -5.86 -9.27 8.65
C SER A 130 -5.48 -9.48 10.12
N VAL A 131 -4.25 -9.12 10.42
CA VAL A 131 -3.69 -9.23 11.77
C VAL A 131 -3.06 -7.86 11.92
N ASP A 132 -3.53 -7.04 12.86
CA ASP A 132 -3.00 -5.67 12.98
C ASP A 132 -1.66 -5.73 13.72
N GLY A 133 -0.69 -4.99 13.20
CA GLY A 133 0.70 -5.08 13.63
C GLY A 133 1.61 -5.63 12.55
N LEU A 134 1.02 -6.30 11.56
CA LEU A 134 1.80 -7.01 10.53
C LEU A 134 1.95 -6.21 9.27
N PRO A 135 3.02 -6.51 8.46
CA PRO A 135 3.28 -5.80 7.23
C PRO A 135 2.06 -5.87 6.35
N GLU A 136 1.79 -4.75 5.68
CA GLU A 136 0.75 -4.67 4.67
C GLU A 136 1.30 -3.73 3.57
N ASP A 137 1.16 -4.04 2.28
CA ASP A 137 0.20 -4.98 1.69
C ASP A 137 -1.23 -4.41 1.84
N ASP A 138 -1.78 -3.72 0.83
CA ASP A 138 -1.36 -3.66 -0.58
C ASP A 138 0.03 -4.08 -1.03
N GLY A 139 0.08 -5.24 -1.70
CA GLY A 139 -1.14 -5.92 -2.18
C GLY A 139 -1.31 -5.61 -3.66
N LYS A 140 -0.29 -4.95 -4.20
CA LYS A 140 -0.19 -4.66 -5.62
C LYS A 140 0.24 -5.89 -6.38
N TYR A 141 0.66 -6.93 -5.66
CA TYR A 141 1.19 -8.15 -6.26
C TYR A 141 0.21 -8.83 -7.21
N ARG A 142 0.72 -9.21 -8.38
CA ARG A 142 -0.08 -9.52 -9.57
C ARG A 142 -0.73 -10.92 -9.61
N PHE A 143 -0.04 -11.93 -9.08
CA PHE A 143 -0.43 -13.31 -9.32
C PHE A 143 -1.54 -13.79 -8.37
N PHE A 144 -1.68 -13.08 -7.24
CA PHE A 144 -2.62 -13.43 -6.19
C PHE A 144 -3.59 -12.30 -5.94
N GLU A 145 -4.82 -12.65 -5.58
CA GLU A 145 -5.87 -11.65 -5.33
C GLU A 145 -6.07 -11.40 -3.84
N MET A 146 -5.72 -10.20 -3.38
CA MET A 146 -5.97 -9.82 -1.99
C MET A 146 -7.45 -9.91 -1.69
N GLY A 147 -7.78 -10.54 -0.56
CA GLY A 147 -9.16 -10.60 -0.14
C GLY A 147 -9.88 -11.83 -0.62
N ASN A 148 -9.25 -12.61 -1.50
CA ASN A 148 -9.76 -13.93 -1.79
C ASN A 148 -8.75 -15.09 -1.53
N HIS A 149 -8.74 -15.58 -0.29
CA HIS A 149 -7.86 -16.63 0.22
C HIS A 149 -6.44 -16.15 0.46
N PHE A 150 -6.25 -14.84 0.26
CA PHE A 150 -5.06 -14.09 0.66
C PHE A 150 -5.47 -12.88 1.50
N SER A 151 -4.70 -12.64 2.56
CA SER A 151 -5.02 -11.64 3.54
C SER A 151 -4.42 -10.28 3.20
N LYS A 152 -4.84 -9.26 3.95
CA LYS A 152 -4.29 -7.91 3.86
C LYS A 152 -2.76 -7.90 4.08
N ASN A 153 -2.28 -8.91 4.80
CA ASN A 153 -0.89 -9.00 5.25
C ASN A 153 -0.05 -10.05 4.49
N ILE A 154 -0.47 -10.37 3.27
CA ILE A 154 0.22 -11.31 2.38
C ILE A 154 1.63 -10.82 2.20
N PHE A 155 2.61 -11.68 2.47
CA PHE A 155 4.00 -11.28 2.34
C PHE A 155 4.62 -11.88 1.05
N VAL A 156 4.95 -11.02 0.08
CA VAL A 156 5.69 -11.42 -1.13
C VAL A 156 6.98 -10.57 -1.31
N ARG A 157 8.11 -11.24 -1.50
CA ARG A 157 9.35 -10.59 -1.90
C ARG A 157 10.07 -11.34 -3.05
N TYR A 158 10.85 -10.58 -3.81
CA TYR A 158 11.70 -11.07 -4.89
C TYR A 158 13.09 -10.79 -4.37
N CYS A 159 13.99 -11.74 -4.40
CA CYS A 159 15.36 -11.44 -3.99
C CYS A 159 16.37 -12.43 -4.56
N LYS A 160 17.55 -12.48 -3.94
CA LYS A 160 18.61 -13.39 -4.34
C LYS A 160 18.69 -14.53 -3.33
N PRO A 161 19.10 -15.73 -3.80
CA PRO A 161 19.33 -16.85 -2.88
C PRO A 161 20.07 -16.44 -1.61
N ASP A 162 21.18 -15.72 -1.76
CA ASP A 162 22.07 -15.43 -0.64
C ASP A 162 21.47 -14.46 0.38
N GLU A 163 20.34 -13.84 0.02
CA GLU A 163 19.70 -12.87 0.89
C GLU A 163 18.32 -13.30 1.45
N VAL A 164 17.98 -14.60 1.34
CA VAL A 164 16.68 -15.10 1.81
C VAL A 164 16.44 -14.87 3.30
N ASP A 165 17.47 -15.05 4.13
CA ASP A 165 17.27 -14.97 5.58
C ASP A 165 17.07 -13.54 6.13
N GLN A 166 17.07 -12.52 5.26
CA GLN A 166 16.78 -11.17 5.70
C GLN A 166 15.32 -11.06 6.17
N TYR A 167 14.47 -11.90 5.59
CA TYR A 167 13.04 -11.92 5.89
C TYR A 167 12.63 -13.00 6.88
N LEU A 168 13.59 -13.76 7.37
CA LEU A 168 13.35 -14.84 8.34
C LEU A 168 12.66 -14.39 9.65
N ASP A 169 13.06 -13.25 10.19
CA ASP A 169 12.44 -12.69 11.37
C ASP A 169 11.01 -12.27 11.15
N THR A 170 10.74 -11.69 10.00
CA THR A 170 9.38 -11.38 9.66
C THR A 170 8.60 -12.71 9.64
N PHE A 171 9.18 -13.76 9.05
CA PHE A 171 8.57 -15.09 9.00
C PHE A 171 8.20 -15.57 10.37
N LYS A 172 9.14 -15.44 11.31
CA LYS A 172 8.91 -15.88 12.68
C LYS A 172 7.85 -15.03 13.37
N LEU A 173 7.71 -13.78 12.91
CA LEU A 173 6.64 -12.93 13.42
C LEU A 173 5.27 -13.46 12.98
N TYR A 174 5.12 -13.82 11.70
CA TYR A 174 3.85 -14.45 11.24
C TYR A 174 3.57 -15.77 11.95
N LEU A 175 4.61 -16.55 12.17
CA LEU A 175 4.47 -17.82 12.88
C LEU A 175 4.04 -17.60 14.31
N THR A 176 4.63 -16.63 14.99
CA THR A 176 4.23 -16.33 16.38
C THR A 176 2.77 -15.96 16.47
N LYS A 177 2.35 -15.07 15.55
CA LYS A 177 0.96 -14.66 15.46
C LYS A 177 0.01 -15.80 15.15
N TYR A 178 0.41 -16.71 14.27
CA TYR A 178 -0.41 -17.86 13.93
C TYR A 178 -0.43 -18.83 15.09
N LYS A 179 0.73 -19.11 15.67
CA LYS A 179 0.71 -19.91 16.91
C LYS A 179 -0.29 -19.34 17.91
N GLU A 180 -0.18 -18.05 18.21
CA GLU A 180 -1.11 -17.35 19.12
C GLU A 180 -2.57 -17.68 18.84
N MET A 181 -2.98 -17.64 17.58
CA MET A 181 -4.38 -17.80 17.27
C MET A 181 -4.81 -19.28 17.27
N ILE A 182 -3.88 -20.19 17.04
CA ILE A 182 -4.19 -21.60 17.21
C ILE A 182 -4.38 -21.84 18.70
N ASP A 183 -3.38 -21.47 19.50
CA ASP A 183 -3.40 -21.70 20.95
C ASP A 183 -4.56 -21.10 21.72
N ASN A 184 -5.07 -19.94 21.26
CA ASN A 184 -6.16 -19.23 21.91
C ASN A 184 -7.57 -19.72 21.46
N ASN A 185 -7.62 -20.46 20.36
CA ASN A 185 -8.87 -21.05 19.85
C ASN A 185 -8.96 -22.55 19.92
N LYS A 186 -7.80 -23.20 19.87
CA LYS A 186 -7.68 -24.67 20.03
C LYS A 186 -8.81 -25.45 19.32
N PRO A 187 -8.85 -25.37 17.97
CA PRO A 187 -9.93 -26.04 17.20
C PRO A 187 -9.82 -27.55 17.31
N VAL A 188 -10.96 -28.24 17.15
CA VAL A 188 -11.02 -29.72 17.19
C VAL A 188 -11.84 -30.34 16.05
N GLY A 189 -12.49 -29.50 15.25
CA GLY A 189 -13.33 -29.99 14.15
C GLY A 189 -12.51 -30.67 13.08
N GLU A 190 -13.14 -31.50 12.25
CA GLU A 190 -12.42 -32.18 11.18
C GLU A 190 -13.17 -32.07 9.87
N ASP A 191 -13.78 -30.93 9.63
CA ASP A 191 -14.64 -30.78 8.45
C ASP A 191 -13.86 -30.29 7.25
N THR A 192 -13.35 -31.24 6.48
CA THR A 192 -12.42 -30.88 5.41
C THR A 192 -13.07 -30.07 4.30
N THR A 193 -14.41 -30.06 4.28
CA THR A 193 -15.21 -29.36 3.26
C THR A 193 -15.17 -27.85 3.43
N VAL A 194 -14.86 -27.41 4.64
CA VAL A 194 -14.50 -26.01 4.89
C VAL A 194 -13.43 -25.51 3.92
N TYR A 195 -12.49 -26.39 3.53
CA TYR A 195 -11.35 -26.00 2.65
C TYR A 195 -11.60 -26.27 1.18
N SER A 196 -12.83 -26.66 0.86
CA SER A 196 -13.24 -26.92 -0.54
C SER A 196 -13.00 -25.77 -1.48
N ASP A 197 -13.62 -24.62 -1.18
CA ASP A 197 -13.50 -23.43 -2.05
C ASP A 197 -12.02 -23.06 -2.17
N PHE A 198 -11.30 -23.18 -1.06
CA PHE A 198 -9.88 -22.76 -0.99
C PHE A 198 -8.99 -23.56 -1.95
N ASP A 199 -9.08 -24.88 -1.83
CA ASP A 199 -8.27 -25.82 -2.62
C ASP A 199 -8.74 -25.81 -4.11
N THR A 200 -10.02 -25.60 -4.34
CA THR A 200 -10.50 -25.42 -5.71
C THR A 200 -9.85 -24.21 -6.35
N TYR A 201 -9.78 -23.12 -5.60
CA TYR A 201 -9.16 -21.88 -6.04
C TYR A 201 -7.67 -22.09 -6.29
N MET A 202 -6.98 -22.75 -5.36
CA MET A 202 -5.53 -22.90 -5.46
C MET A 202 -5.07 -23.85 -6.58
N THR A 203 -5.93 -24.80 -6.95
CA THR A 203 -5.70 -25.68 -8.09
C THR A 203 -5.75 -24.91 -9.42
N GLU A 204 -6.28 -23.70 -9.39
CA GLU A 204 -6.36 -22.87 -10.58
C GLU A 204 -5.05 -22.15 -10.86
N LEU A 205 -4.16 -22.15 -9.87
CA LEU A 205 -2.83 -21.52 -10.01
C LEU A 205 -1.86 -22.29 -10.89
N ASP A 206 -1.09 -21.52 -11.66
CA ASP A 206 -0.04 -22.06 -12.52
C ASP A 206 1.34 -21.76 -11.89
N PRO A 207 2.39 -22.50 -12.32
CA PRO A 207 2.44 -23.62 -13.27
C PRO A 207 2.54 -25.06 -12.72
N VAL A 208 2.44 -25.26 -11.41
CA VAL A 208 2.71 -26.60 -10.84
C VAL A 208 2.36 -27.79 -11.75
N ARG A 209 1.13 -27.82 -12.25
CA ARG A 209 0.62 -28.90 -13.10
C ARG A 209 1.55 -29.26 -14.26
N GLY A 210 2.01 -28.23 -14.98
CA GLY A 210 2.87 -28.39 -16.15
C GLY A 210 4.33 -28.60 -15.81
N TYR A 211 4.81 -27.93 -14.77
CA TYR A 211 6.17 -28.15 -14.29
C TYR A 211 6.37 -29.63 -13.89
N MET A 212 5.41 -30.20 -13.15
CA MET A 212 5.48 -31.60 -12.73
C MET A 212 5.24 -32.56 -13.91
N LYS A 213 4.40 -32.12 -14.86
CA LYS A 213 4.04 -32.86 -16.07
C LYS A 213 5.30 -33.26 -16.82
N ASN A 214 6.04 -32.24 -17.21
CA ASN A 214 7.35 -32.32 -17.82
C ASN A 214 8.38 -33.11 -17.00
N LYS A 215 8.42 -32.83 -15.71
CA LYS A 215 9.47 -33.35 -14.86
C LYS A 215 9.24 -34.78 -14.40
N PHE A 216 7.99 -35.13 -14.16
CA PHE A 216 7.66 -36.44 -13.56
C PHE A 216 6.65 -37.26 -14.37
N GLY A 217 5.95 -36.63 -15.30
CA GLY A 217 4.88 -37.32 -16.05
C GLY A 217 3.48 -36.87 -15.70
N GLU A 218 2.51 -37.21 -16.55
CA GLU A 218 1.10 -36.77 -16.41
C GLU A 218 0.35 -37.37 -15.22
N GLY A 219 0.39 -38.68 -15.08
CA GLY A 219 -0.22 -39.33 -13.94
C GLY A 219 0.24 -38.72 -12.63
N ARG A 220 1.56 -38.54 -12.51
CA ARG A 220 2.16 -38.02 -11.30
C ARG A 220 1.79 -36.54 -11.06
N SER A 221 1.67 -35.75 -12.13
CA SER A 221 1.33 -34.35 -11.97
C SER A 221 -0.09 -34.18 -11.51
N GLU A 222 -0.99 -34.94 -12.15
CA GLU A 222 -2.42 -35.02 -11.78
C GLU A 222 -2.61 -35.42 -10.32
N ALA A 223 -1.94 -36.49 -9.93
CA ALA A 223 -2.06 -36.98 -8.56
C ALA A 223 -1.44 -36.02 -7.56
N PHE A 224 -0.28 -35.45 -7.89
CA PHE A 224 0.40 -34.54 -6.96
C PHE A 224 -0.50 -33.36 -6.61
N VAL A 225 -1.15 -32.81 -7.64
CA VAL A 225 -1.99 -31.63 -7.53
C VAL A 225 -3.34 -31.91 -6.85
N ASN A 226 -4.03 -32.95 -7.31
CA ASN A 226 -5.39 -33.23 -6.86
C ASN A 226 -5.42 -34.11 -5.60
N ASP A 227 -4.45 -35.00 -5.47
CA ASP A 227 -4.47 -35.96 -4.34
C ASP A 227 -3.53 -35.58 -3.19
N PHE A 228 -2.55 -34.72 -3.46
CA PHE A 228 -1.64 -34.21 -2.43
C PHE A 228 -1.81 -32.70 -2.10
N LEU A 229 -1.65 -31.84 -3.10
CA LEU A 229 -1.48 -30.41 -2.83
C LEU A 229 -2.79 -29.81 -2.38
N PHE A 230 -3.84 -30.14 -3.14
CA PHE A 230 -5.14 -29.53 -2.96
C PHE A 230 -6.25 -30.57 -3.00
N SER A 231 -6.25 -31.42 -1.99
CA SER A 231 -7.01 -32.64 -2.01
C SER A 231 -8.37 -32.59 -1.33
N TYR A 232 -8.69 -31.44 -0.74
CA TYR A 232 -9.98 -31.23 -0.13
C TYR A 232 -10.91 -30.49 -1.09
N LYS A 233 -10.75 -30.65 -2.39
CA LYS A 233 -11.75 -30.11 -3.33
C LYS A 233 -13.03 -30.94 -3.24
N LYS B 21 -5.90 -3.63 -38.33
CA LYS B 21 -5.97 -2.66 -37.19
C LYS B 21 -5.31 -3.21 -35.92
N THR B 22 -5.41 -2.45 -34.83
CA THR B 22 -4.70 -2.74 -33.57
C THR B 22 -5.65 -2.87 -32.40
N ILE B 23 -5.29 -3.69 -31.40
CA ILE B 23 -5.96 -3.62 -30.10
C ILE B 23 -5.63 -2.30 -29.35
N TRP B 24 -4.62 -1.58 -29.84
CA TRP B 24 -4.16 -0.35 -29.22
C TRP B 24 -4.82 0.89 -29.78
N GLN B 25 -5.77 0.71 -30.69
CA GLN B 25 -6.31 1.89 -31.38
C GLN B 25 -6.87 2.95 -30.43
N ASN B 26 -7.54 2.52 -29.35
CA ASN B 26 -8.21 3.43 -28.42
C ASN B 26 -7.22 4.23 -27.57
N TYR B 27 -6.19 3.58 -27.06
CA TYR B 27 -5.01 4.25 -26.47
C TYR B 27 -4.31 5.29 -27.39
N ILE B 28 -4.02 4.87 -28.62
CA ILE B 28 -3.50 5.75 -29.65
C ILE B 28 -4.40 6.96 -29.91
N ASP B 29 -5.70 6.74 -30.11
CA ASP B 29 -6.68 7.78 -30.32
C ASP B 29 -6.66 8.72 -29.12
N ALA B 30 -6.61 8.12 -27.92
CA ALA B 30 -6.66 8.87 -26.67
C ALA B 30 -5.44 9.80 -26.55
N LEU B 31 -4.30 9.33 -27.04
CA LEU B 31 -3.05 10.09 -26.95
C LEU B 31 -3.09 11.38 -27.79
N PHE B 32 -3.54 11.29 -29.05
CA PHE B 32 -3.50 12.44 -29.98
C PHE B 32 -4.74 13.30 -29.95
N GLU B 33 -5.78 12.82 -29.29
CA GLU B 33 -6.89 13.68 -28.85
C GLU B 33 -6.45 14.59 -27.72
N THR B 34 -5.64 14.06 -26.80
CA THR B 34 -5.05 14.90 -25.76
C THR B 34 -3.99 15.85 -26.31
N PHE B 35 -3.17 15.36 -27.24
CA PHE B 35 -2.17 16.20 -27.94
C PHE B 35 -2.35 16.16 -29.45
N PRO B 36 -3.32 16.95 -29.93
CA PRO B 36 -3.56 17.05 -31.37
C PRO B 36 -2.50 17.89 -32.10
N GLN B 37 -1.60 18.55 -31.37
CA GLN B 37 -0.53 19.28 -32.03
C GLN B 37 0.53 18.37 -32.68
N LEU B 38 0.64 17.14 -32.20
CA LEU B 38 1.72 16.23 -32.59
C LEU B 38 1.38 15.53 -33.90
N GLU B 39 1.72 16.19 -34.99
CA GLU B 39 1.62 15.66 -36.36
C GLU B 39 2.91 14.93 -36.76
N ILE B 40 2.75 13.90 -37.60
CA ILE B 40 3.88 13.19 -38.20
C ILE B 40 4.71 14.18 -39.01
N SER B 41 5.97 14.37 -38.65
CA SER B 41 6.82 15.24 -39.47
C SER B 41 7.78 14.42 -40.32
N GLU B 42 8.05 13.19 -39.89
CA GLU B 42 8.88 12.30 -40.63
C GLU B 42 8.48 10.89 -40.32
N VAL B 43 8.29 10.10 -41.36
CA VAL B 43 8.17 8.66 -41.21
C VAL B 43 9.59 8.09 -41.30
N TRP B 44 10.16 7.81 -40.13
CA TRP B 44 11.50 7.27 -40.03
C TRP B 44 11.68 5.89 -40.70
N ALA B 45 10.65 5.05 -40.65
CA ALA B 45 10.71 3.72 -41.26
C ALA B 45 9.35 3.16 -41.62
N LYS B 46 9.30 2.38 -42.69
CA LYS B 46 8.17 1.51 -42.96
C LYS B 46 8.71 0.22 -43.52
N TRP B 47 8.93 -0.76 -42.65
CA TRP B 47 9.68 -1.97 -42.99
C TRP B 47 8.86 -3.26 -42.93
N ASP B 48 9.03 -4.13 -43.93
CA ASP B 48 8.50 -5.50 -43.89
C ASP B 48 9.56 -6.42 -43.32
N GLY B 49 9.15 -7.55 -42.77
CA GLY B 49 10.11 -8.45 -42.13
C GLY B 49 9.44 -9.68 -41.58
N GLY B 50 10.11 -10.39 -40.69
CA GLY B 50 9.61 -11.66 -40.16
C GLY B 50 9.61 -12.71 -41.26
N ASN B 51 8.58 -13.56 -41.27
CA ASN B 51 8.44 -14.63 -42.28
C ASN B 51 7.90 -14.19 -43.63
N VAL B 52 8.23 -14.95 -44.68
CA VAL B 52 7.91 -14.61 -46.07
C VAL B 52 6.45 -14.87 -46.41
N THR B 53 5.84 -13.88 -47.08
CA THR B 53 4.40 -13.82 -47.32
C THR B 53 4.10 -13.71 -48.83
N LYS B 54 2.92 -14.21 -49.22
CA LYS B 54 2.51 -14.32 -50.60
C LYS B 54 1.89 -13.03 -51.13
N GLY B 57 6.45 -9.76 -46.27
CA GLY B 57 6.84 -10.13 -44.90
C GLY B 57 5.63 -10.10 -43.98
N ASP B 58 5.60 -10.95 -42.95
CA ASP B 58 4.42 -10.99 -42.07
C ASP B 58 4.55 -10.04 -40.86
N ALA B 59 5.73 -9.43 -40.71
CA ALA B 59 5.99 -8.47 -39.65
C ALA B 59 6.11 -7.10 -40.26
N LYS B 60 5.52 -6.10 -39.59
CA LYS B 60 5.53 -4.71 -40.09
C LYS B 60 5.86 -3.69 -39.00
N LEU B 61 6.89 -2.88 -39.24
CA LEU B 61 7.21 -1.73 -38.40
C LEU B 61 6.80 -0.44 -39.11
N THR B 62 6.12 0.45 -38.40
CA THR B 62 5.96 1.84 -38.79
C THR B 62 6.65 2.67 -37.71
N ALA B 63 7.54 3.55 -38.12
CA ALA B 63 8.23 4.38 -37.14
C ALA B 63 8.08 5.84 -37.56
N ASN B 64 7.38 6.61 -36.72
CA ASN B 64 7.06 8.02 -37.01
C ASN B 64 7.73 8.93 -35.99
N ILE B 65 8.16 10.10 -36.42
CA ILE B 65 8.56 11.15 -35.50
C ILE B 65 7.50 12.24 -35.66
N ARG B 66 6.95 12.69 -34.55
CA ARG B 66 5.97 13.78 -34.54
C ARG B 66 6.51 14.95 -33.78
N THR B 67 6.14 16.14 -34.24
CA THR B 67 6.57 17.37 -33.58
C THR B 67 5.34 18.24 -33.37
N GLY B 68 5.44 19.21 -32.49
CA GLY B 68 4.31 20.07 -32.22
C GLY B 68 4.62 20.94 -31.05
N GLU B 69 3.70 21.87 -30.78
CA GLU B 69 3.83 22.83 -29.68
C GLU B 69 4.12 22.21 -28.30
N HIS B 70 5.19 22.70 -27.66
CA HIS B 70 5.63 22.29 -26.30
C HIS B 70 6.48 21.03 -26.27
N PHE B 71 6.68 20.43 -27.44
CA PHE B 71 7.40 19.17 -27.58
C PHE B 71 8.64 19.17 -28.51
N LEU B 72 9.68 18.47 -28.09
CA LEU B 72 10.86 18.28 -28.93
C LEU B 72 10.51 17.30 -30.05
N LYS B 73 9.94 16.17 -29.64
CA LYS B 73 9.39 15.17 -30.55
C LYS B 73 8.50 14.25 -29.74
N ALA B 74 7.69 13.49 -30.48
CA ALA B 74 7.10 12.27 -29.99
C ALA B 74 7.56 11.24 -30.99
N ARG B 75 8.20 10.18 -30.49
CA ARG B 75 8.69 9.13 -31.36
C ARG B 75 7.94 7.80 -31.15
N GLU B 76 7.31 7.36 -32.23
CA GLU B 76 6.24 6.36 -32.15
C GLU B 76 6.60 5.10 -32.94
N ALA B 77 6.87 4.00 -32.23
CA ALA B 77 7.17 2.72 -32.88
C ALA B 77 5.97 1.78 -32.80
N HIS B 78 5.56 1.21 -33.93
CA HIS B 78 4.44 0.26 -33.95
C HIS B 78 4.79 -0.98 -34.75
N ILE B 79 4.98 -2.09 -34.04
CA ILE B 79 5.42 -3.35 -34.65
C ILE B 79 4.30 -4.39 -34.52
N VAL B 80 3.87 -4.94 -35.65
CA VAL B 80 2.80 -5.95 -35.67
C VAL B 80 3.26 -7.17 -36.45
N ASP B 81 2.99 -8.37 -35.93
CA ASP B 81 3.02 -9.58 -36.77
C ASP B 81 1.79 -10.46 -36.47
N PRO B 82 1.67 -11.66 -37.10
CA PRO B 82 0.51 -12.51 -36.84
C PRO B 82 0.17 -12.76 -35.36
N ASN B 83 1.17 -12.76 -34.48
CA ASN B 83 0.96 -13.05 -33.06
C ASN B 83 1.12 -11.84 -32.11
N SER B 84 1.76 -10.77 -32.58
CA SER B 84 2.15 -9.69 -31.69
C SER B 84 1.78 -8.29 -32.16
N ASP B 85 1.74 -7.37 -31.20
CA ASP B 85 1.32 -5.99 -31.48
C ASP B 85 1.96 -5.12 -30.42
N ILE B 86 3.03 -4.41 -30.81
CA ILE B 86 3.75 -3.56 -29.88
C ILE B 86 3.67 -2.09 -30.30
N TYR B 87 3.21 -1.25 -29.37
CA TYR B 87 3.22 0.21 -29.52
C TYR B 87 4.16 0.80 -28.46
N ASN B 88 5.31 1.30 -28.90
CA ASN B 88 6.28 1.94 -28.01
C ASN B 88 6.34 3.41 -28.39
N THR B 89 5.80 4.28 -27.54
CA THR B 89 5.86 5.69 -27.83
C THR B 89 6.37 6.53 -26.67
N ILE B 90 7.18 7.54 -26.99
CA ILE B 90 7.63 8.48 -25.96
C ILE B 90 7.51 9.92 -26.43
N LEU B 91 6.93 10.74 -25.57
CA LEU B 91 6.81 12.18 -25.73
C LEU B 91 7.97 12.85 -25.04
N TYR B 92 8.77 13.59 -25.79
CA TYR B 92 9.89 14.36 -25.21
C TYR B 92 9.49 15.83 -25.15
N PRO B 93 9.16 16.34 -23.96
CA PRO B 93 8.81 17.76 -23.94
C PRO B 93 10.02 18.69 -24.17
N LYS B 94 9.73 19.92 -24.62
CA LYS B 94 10.75 20.94 -24.75
C LYS B 94 11.36 21.13 -23.37
N THR B 95 12.60 21.60 -23.36
CA THR B 95 13.38 21.59 -22.15
C THR B 95 13.20 22.93 -21.43
N GLY B 96 13.66 22.99 -20.18
CA GLY B 96 13.66 24.24 -19.44
C GLY B 96 12.55 24.35 -18.43
N ALA B 97 11.71 23.31 -18.35
CA ALA B 97 10.69 23.23 -17.32
C ALA B 97 10.87 22.01 -16.36
N ASP B 98 11.95 21.24 -16.52
CA ASP B 98 12.16 20.07 -15.62
C ASP B 98 10.97 19.07 -15.72
N LEU B 99 10.28 19.06 -16.84
CA LEU B 99 9.18 18.11 -17.04
C LEU B 99 9.70 16.68 -17.31
N PRO B 100 8.93 15.64 -16.94
CA PRO B 100 9.24 14.26 -17.42
C PRO B 100 8.83 14.05 -18.86
N CYS B 101 9.33 12.99 -19.49
CA CYS B 101 8.66 12.53 -20.71
C CYS B 101 7.44 11.71 -20.28
N PHE B 102 6.52 11.51 -21.22
CA PHE B 102 5.49 10.50 -21.03
C PHE B 102 5.81 9.28 -21.91
N GLY B 103 6.13 8.14 -21.27
CA GLY B 103 6.46 6.94 -22.00
C GLY B 103 5.39 5.86 -21.93
N MET B 104 5.29 5.04 -22.98
CA MET B 104 4.35 3.90 -23.00
C MET B 104 4.91 2.74 -23.80
N ASP B 105 4.62 1.55 -23.31
CA ASP B 105 5.05 0.31 -23.93
C ASP B 105 3.91 -0.69 -23.85
N LEU B 106 3.08 -0.69 -24.89
CA LEU B 106 1.88 -1.48 -24.96
C LEU B 106 2.21 -2.74 -25.74
N MET B 107 2.41 -3.85 -25.02
CA MET B 107 3.00 -5.05 -25.61
C MET B 107 2.10 -6.28 -25.61
N LYS B 108 1.52 -6.58 -26.75
CA LYS B 108 0.87 -7.87 -26.99
C LYS B 108 1.89 -8.82 -27.60
N PHE B 109 2.09 -9.96 -26.93
CA PHE B 109 3.01 -10.95 -27.44
C PHE B 109 2.32 -12.12 -28.12
N SER B 110 1.25 -12.63 -27.50
CA SER B 110 0.43 -13.71 -28.06
C SER B 110 -1.03 -13.29 -27.91
N ASP B 111 -1.99 -14.21 -28.10
CA ASP B 111 -3.39 -13.82 -27.80
C ASP B 111 -3.86 -14.17 -26.39
N LYS B 112 -2.89 -14.53 -25.56
CA LYS B 112 -3.11 -14.70 -24.13
C LYS B 112 -2.30 -13.70 -23.29
N LYS B 113 -1.22 -13.19 -23.87
CA LYS B 113 -0.29 -12.33 -23.13
C LYS B 113 -0.19 -10.92 -23.71
N VAL B 114 -0.51 -9.94 -22.88
CA VAL B 114 -0.17 -8.55 -23.17
C VAL B 114 0.39 -7.93 -21.91
N ILE B 115 1.33 -7.01 -22.07
CA ILE B 115 1.84 -6.21 -20.95
C ILE B 115 1.61 -4.76 -21.32
N ILE B 116 0.92 -4.06 -20.43
CA ILE B 116 0.65 -2.64 -20.56
C ILE B 116 1.60 -1.87 -19.65
N VAL B 117 2.38 -0.95 -20.21
CA VAL B 117 3.30 -0.13 -19.40
C VAL B 117 3.16 1.35 -19.76
N PHE B 118 2.86 2.16 -18.74
CA PHE B 118 2.99 3.61 -18.89
C PHE B 118 3.43 4.41 -17.65
N ASP B 119 4.14 5.49 -17.90
CA ASP B 119 4.77 6.23 -16.82
C ASP B 119 5.29 7.59 -17.26
N PHE B 120 5.38 8.49 -16.28
CA PHE B 120 6.23 9.68 -16.36
C PHE B 120 7.68 9.29 -16.18
N GLN B 121 8.48 9.59 -17.19
CA GLN B 121 9.88 9.24 -17.19
C GLN B 121 10.76 10.47 -17.10
N HIS B 122 11.22 10.77 -15.86
CA HIS B 122 12.00 11.97 -15.59
C HIS B 122 13.44 11.93 -16.11
N PRO B 123 13.84 12.96 -16.91
CA PRO B 123 15.20 13.02 -17.44
C PRO B 123 16.27 13.00 -16.36
N ARG B 124 15.97 13.48 -15.16
CA ARG B 124 17.01 13.58 -14.17
C ARG B 124 17.13 12.21 -13.46
N GLU B 125 18.34 11.69 -13.38
CA GLU B 125 18.55 10.36 -12.81
C GLU B 125 18.55 10.37 -11.28
N LYS B 126 18.15 9.25 -10.67
CA LYS B 126 18.18 9.19 -9.22
C LYS B 126 17.20 10.22 -8.59
N TYR B 127 16.20 10.62 -9.39
CA TYR B 127 15.14 11.49 -8.94
C TYR B 127 13.85 10.69 -8.95
N LEU B 128 13.17 10.62 -7.81
CA LEU B 128 11.89 9.92 -7.69
C LEU B 128 10.73 10.88 -7.93
N PHE B 129 10.24 10.88 -9.16
CA PHE B 129 9.15 11.76 -9.53
C PHE B 129 7.80 11.08 -9.16
N SER B 130 6.78 11.88 -8.89
CA SER B 130 5.43 11.37 -8.58
C SER B 130 4.40 12.46 -8.78
N VAL B 131 3.19 12.00 -9.09
CA VAL B 131 2.00 12.83 -9.13
C VAL B 131 1.06 12.28 -8.04
N ASP B 132 0.79 13.06 -7.00
CA ASP B 132 -0.14 12.63 -5.95
C ASP B 132 -1.56 12.56 -6.51
N GLY B 133 -2.25 11.45 -6.27
CA GLY B 133 -3.58 11.28 -6.84
C GLY B 133 -3.66 10.16 -7.86
N LEU B 134 -2.51 9.76 -8.38
CA LEU B 134 -2.44 8.64 -9.34
C LEU B 134 -2.01 7.33 -8.67
N PRO B 135 -2.38 6.17 -9.28
CA PRO B 135 -1.96 4.92 -8.66
C PRO B 135 -0.45 4.90 -8.43
N GLU B 136 -0.01 4.21 -7.39
CA GLU B 136 1.40 4.15 -7.06
C GLU B 136 1.88 2.71 -7.12
N ASP B 137 3.13 2.54 -7.54
CA ASP B 137 3.80 1.24 -7.57
C ASP B 137 5.21 1.50 -7.03
N ASP B 138 5.57 0.80 -5.96
CA ASP B 138 6.86 0.99 -5.27
C ASP B 138 8.01 0.23 -5.90
N GLY B 139 7.71 -0.55 -6.95
CA GLY B 139 8.73 -1.19 -7.79
C GLY B 139 9.35 -2.47 -7.26
N LYS B 140 8.53 -3.31 -6.65
CA LYS B 140 9.01 -4.50 -5.98
C LYS B 140 8.82 -5.80 -6.77
N TYR B 141 8.21 -5.72 -7.96
CA TYR B 141 7.58 -6.91 -8.57
C TYR B 141 7.80 -7.48 -10.01
N ARG B 142 8.52 -6.90 -10.99
CA ARG B 142 9.16 -5.56 -11.17
C ARG B 142 10.65 -5.62 -11.47
N PHE B 143 10.97 -5.30 -12.73
CA PHE B 143 12.31 -5.42 -13.32
C PHE B 143 13.24 -4.22 -13.09
N PHE B 144 14.37 -4.49 -12.44
CA PHE B 144 15.45 -3.51 -12.17
C PHE B 144 15.06 -2.39 -11.20
N GLU B 145 16.08 -1.76 -10.62
CA GLU B 145 15.88 -0.67 -9.66
C GLU B 145 14.93 0.38 -10.23
N MET B 146 14.14 0.96 -9.33
CA MET B 146 13.10 1.91 -9.71
C MET B 146 13.43 3.26 -9.09
N GLY B 147 12.96 4.32 -9.74
CA GLY B 147 13.27 5.68 -9.29
C GLY B 147 14.46 6.20 -10.07
N ASN B 148 14.79 5.47 -11.13
CA ASN B 148 15.68 5.97 -12.15
C ASN B 148 14.94 6.05 -13.47
N HIS B 149 14.40 7.24 -13.76
CA HIS B 149 13.72 7.48 -15.05
C HIS B 149 12.36 6.80 -15.15
N PHE B 150 11.96 6.16 -14.05
CA PHE B 150 10.61 5.66 -13.83
C PHE B 150 10.14 6.27 -12.51
N SER B 151 8.87 6.65 -12.47
CA SER B 151 8.29 7.36 -11.33
C SER B 151 7.58 6.45 -10.33
N LYS B 152 7.10 7.05 -9.25
CA LYS B 152 6.24 6.38 -8.25
C LYS B 152 4.96 5.84 -8.84
N ASN B 153 4.53 6.47 -9.94
CA ASN B 153 3.25 6.16 -10.59
C ASN B 153 3.37 5.21 -11.77
N ILE B 154 4.51 4.55 -11.93
CA ILE B 154 4.66 3.59 -13.03
C ILE B 154 3.46 2.63 -13.06
N PHE B 155 2.77 2.56 -14.20
CA PHE B 155 1.60 1.69 -14.35
C PHE B 155 1.95 0.44 -15.16
N VAL B 156 2.04 -0.70 -14.47
CA VAL B 156 2.31 -1.97 -15.13
C VAL B 156 1.14 -2.94 -14.91
N ARG B 157 0.65 -3.55 -15.99
CA ARG B 157 -0.46 -4.49 -15.89
C ARG B 157 -0.32 -5.58 -16.93
N TYR B 158 -0.45 -6.81 -16.45
CA TYR B 158 -0.58 -7.97 -17.32
C TYR B 158 -2.05 -8.31 -17.52
N CYS B 159 -2.46 -8.58 -18.76
CA CYS B 159 -3.83 -9.07 -19.02
C CYS B 159 -3.93 -9.81 -20.36
N LYS B 160 -5.16 -10.09 -20.82
CA LYS B 160 -5.45 -10.67 -22.13
C LYS B 160 -5.85 -9.57 -23.15
N PRO B 161 -5.63 -9.81 -24.45
CA PRO B 161 -5.93 -8.87 -25.57
C PRO B 161 -7.34 -8.28 -25.66
N ASP B 162 -8.31 -8.97 -25.09
CA ASP B 162 -9.70 -8.53 -25.08
C ASP B 162 -9.98 -7.61 -23.89
N GLU B 163 -9.03 -7.51 -22.96
CA GLU B 163 -9.25 -6.81 -21.71
C GLU B 163 -8.49 -5.48 -21.62
N VAL B 164 -7.76 -5.14 -22.68
CA VAL B 164 -6.81 -3.99 -22.63
C VAL B 164 -7.46 -2.65 -22.32
N ASP B 165 -8.72 -2.47 -22.74
CA ASP B 165 -9.38 -1.20 -22.57
C ASP B 165 -10.02 -1.00 -21.19
N GLN B 166 -9.75 -1.92 -20.26
CA GLN B 166 -10.23 -1.75 -18.90
C GLN B 166 -9.38 -0.70 -18.18
N TYR B 167 -8.15 -0.57 -18.64
CA TYR B 167 -7.23 0.40 -18.08
C TYR B 167 -7.19 1.70 -18.90
N LEU B 168 -8.10 1.84 -19.87
CA LEU B 168 -8.03 3.00 -20.78
C LEU B 168 -8.30 4.30 -20.03
N ASP B 169 -9.28 4.29 -19.15
CA ASP B 169 -9.69 5.47 -18.40
C ASP B 169 -8.58 5.95 -17.46
N THR B 170 -7.81 5.00 -16.94
CA THR B 170 -6.59 5.33 -16.23
C THR B 170 -5.50 5.99 -17.10
N PHE B 171 -5.20 5.41 -18.25
CA PHE B 171 -4.27 5.95 -19.23
C PHE B 171 -4.68 7.41 -19.61
N LYS B 172 -6.00 7.65 -19.73
CA LYS B 172 -6.55 9.01 -20.01
C LYS B 172 -6.36 9.97 -18.84
N LEU B 173 -6.32 9.41 -17.63
CA LEU B 173 -6.02 10.20 -16.44
C LEU B 173 -4.53 10.64 -16.48
N TYR B 174 -3.61 9.69 -16.62
CA TYR B 174 -2.20 10.06 -16.81
C TYR B 174 -2.06 11.07 -17.95
N LEU B 175 -2.73 10.82 -19.07
CA LEU B 175 -2.69 11.84 -20.15
C LEU B 175 -3.15 13.22 -19.67
N THR B 176 -4.22 13.28 -18.90
CA THR B 176 -4.79 14.56 -18.43
C THR B 176 -3.89 15.32 -17.44
N LYS B 177 -3.14 14.56 -16.67
CA LYS B 177 -2.25 15.18 -15.73
C LYS B 177 -0.94 15.62 -16.39
N TYR B 178 -0.52 14.88 -17.43
CA TYR B 178 0.61 15.28 -18.22
C TYR B 178 0.28 16.53 -19.02
N LYS B 179 -0.89 16.58 -19.64
CA LYS B 179 -1.25 17.76 -20.42
C LYS B 179 -1.27 18.96 -19.49
N GLU B 180 -1.81 18.78 -18.30
CA GLU B 180 -1.82 19.86 -17.30
C GLU B 180 -0.44 20.44 -17.04
N MET B 181 0.53 19.59 -16.73
CA MET B 181 1.89 20.06 -16.46
C MET B 181 2.62 20.66 -17.67
N ILE B 182 2.29 20.18 -18.87
CA ILE B 182 2.84 20.78 -20.07
C ILE B 182 2.23 22.18 -20.30
N ASP B 183 0.91 22.25 -20.29
CA ASP B 183 0.18 23.51 -20.44
C ASP B 183 0.43 24.52 -19.33
N ASN B 184 0.66 24.06 -18.11
CA ASN B 184 1.07 25.00 -17.08
C ASN B 184 2.42 25.67 -17.41
N ASN B 185 3.39 24.89 -17.89
CA ASN B 185 4.77 25.39 -18.07
C ASN B 185 5.14 26.04 -19.41
N LYS B 186 4.54 25.55 -20.48
CA LYS B 186 4.83 25.97 -21.87
C LYS B 186 6.33 26.02 -22.17
N PRO B 187 7.02 24.87 -22.00
CA PRO B 187 8.47 24.78 -22.24
C PRO B 187 8.83 25.17 -23.67
N VAL B 188 9.94 25.88 -23.83
CA VAL B 188 10.40 26.31 -25.14
C VAL B 188 11.85 25.94 -25.44
N GLY B 189 12.59 25.47 -24.42
CA GLY B 189 13.97 25.00 -24.63
C GLY B 189 14.09 23.84 -25.60
N GLU B 190 15.29 23.68 -26.19
CA GLU B 190 15.51 22.58 -27.16
C GLU B 190 16.82 21.80 -26.95
N ASP B 191 17.22 21.71 -25.69
CA ASP B 191 18.49 21.12 -25.30
C ASP B 191 18.32 19.60 -25.18
N THR B 192 18.43 18.91 -26.30
CA THR B 192 18.26 17.45 -26.33
C THR B 192 19.21 16.65 -25.41
N THR B 193 20.33 17.25 -25.01
CA THR B 193 21.26 16.61 -24.04
C THR B 193 20.67 16.45 -22.65
N VAL B 194 19.61 17.23 -22.35
CA VAL B 194 18.80 16.96 -21.16
C VAL B 194 18.42 15.44 -21.07
N TYR B 195 18.17 14.84 -22.23
CA TYR B 195 17.65 13.45 -22.32
C TYR B 195 18.74 12.42 -22.59
N SER B 196 19.99 12.86 -22.60
CA SER B 196 21.13 12.01 -22.90
C SER B 196 21.26 10.86 -21.88
N ASP B 197 21.04 11.14 -20.58
CA ASP B 197 21.12 10.09 -19.52
C ASP B 197 19.92 9.16 -19.61
N PHE B 198 18.75 9.76 -19.85
CA PHE B 198 17.54 8.97 -20.02
C PHE B 198 17.72 7.96 -21.15
N ASP B 199 17.95 8.44 -22.36
CA ASP B 199 18.12 7.54 -23.52
C ASP B 199 19.25 6.53 -23.39
N THR B 200 20.35 6.95 -22.77
CA THR B 200 21.42 5.99 -22.42
C THR B 200 20.93 4.81 -21.58
N TYR B 201 20.29 5.12 -20.46
CA TYR B 201 19.63 4.16 -19.57
C TYR B 201 18.62 3.24 -20.27
N MET B 202 17.78 3.82 -21.10
CA MET B 202 16.80 3.02 -21.81
C MET B 202 17.46 2.11 -22.85
N THR B 203 18.55 2.57 -23.46
CA THR B 203 19.28 1.75 -24.41
C THR B 203 19.88 0.50 -23.76
N GLU B 204 20.45 0.65 -22.58
CA GLU B 204 21.05 -0.46 -21.82
C GLU B 204 20.05 -1.39 -21.09
N LEU B 205 18.79 -0.96 -20.96
CA LEU B 205 17.81 -1.71 -20.17
C LEU B 205 16.54 -1.96 -20.98
N ASP B 206 16.59 -2.93 -21.89
CA ASP B 206 15.55 -3.13 -22.92
C ASP B 206 15.86 -4.30 -23.84
N PRO B 207 14.94 -5.29 -23.93
CA PRO B 207 15.00 -6.38 -24.93
C PRO B 207 14.31 -6.13 -26.29
N VAL B 208 14.30 -4.88 -26.76
CA VAL B 208 13.82 -4.55 -28.11
C VAL B 208 14.89 -4.95 -29.15
N ARG B 209 16.13 -5.03 -28.68
CA ARG B 209 17.20 -5.70 -29.40
C ARG B 209 17.03 -7.19 -29.07
N GLY B 210 17.24 -8.04 -30.07
CA GLY B 210 16.84 -9.44 -29.98
C GLY B 210 15.57 -9.64 -30.79
N TYR B 211 14.53 -8.91 -30.43
CA TYR B 211 13.26 -8.96 -31.17
C TYR B 211 13.36 -8.39 -32.60
N MET B 212 14.05 -7.26 -32.76
CA MET B 212 14.12 -6.59 -34.07
C MET B 212 15.20 -7.23 -34.94
N LYS B 213 16.15 -7.90 -34.30
CA LYS B 213 17.16 -8.68 -35.02
C LYS B 213 16.52 -9.81 -35.80
N ASN B 214 15.77 -10.64 -35.10
CA ASN B 214 15.06 -11.76 -35.69
C ASN B 214 14.15 -11.36 -36.87
N LYS B 215 13.44 -10.25 -36.73
CA LYS B 215 12.44 -9.86 -37.72
C LYS B 215 13.00 -9.06 -38.89
N PHE B 216 14.03 -8.25 -38.61
CA PHE B 216 14.53 -7.25 -39.57
C PHE B 216 16.05 -7.26 -39.77
N GLY B 217 16.78 -7.97 -38.93
CA GLY B 217 18.24 -8.01 -39.02
C GLY B 217 19.02 -7.09 -38.09
N GLU B 218 20.27 -7.46 -37.82
CA GLU B 218 21.23 -6.70 -37.02
C GLU B 218 21.30 -5.22 -37.39
N GLY B 219 21.57 -4.97 -38.66
CA GLY B 219 21.68 -3.62 -39.18
C GLY B 219 20.49 -2.76 -38.84
N ARG B 220 19.30 -3.34 -39.01
CA ARG B 220 18.06 -2.60 -38.87
C ARG B 220 17.62 -2.44 -37.42
N SER B 221 17.89 -3.44 -36.59
CA SER B 221 17.64 -3.32 -35.15
C SER B 221 18.54 -2.28 -34.47
N GLU B 222 19.80 -2.20 -34.88
CA GLU B 222 20.76 -1.29 -34.25
C GLU B 222 20.40 0.18 -34.53
N ALA B 223 20.07 0.47 -35.77
CA ALA B 223 19.60 1.79 -36.16
C ALA B 223 18.32 2.18 -35.45
N PHE B 224 17.41 1.21 -35.31
CA PHE B 224 16.08 1.47 -34.75
C PHE B 224 16.21 1.89 -33.30
N VAL B 225 17.07 1.22 -32.56
CA VAL B 225 17.29 1.54 -31.16
C VAL B 225 18.07 2.86 -31.01
N ASN B 226 19.13 3.00 -31.79
CA ASN B 226 20.09 4.05 -31.57
C ASN B 226 19.79 5.31 -32.39
N ASP B 227 19.15 5.14 -33.54
CA ASP B 227 18.87 6.32 -34.39
C ASP B 227 17.39 6.76 -34.35
N PHE B 228 16.52 5.88 -33.85
CA PHE B 228 15.10 6.17 -33.63
C PHE B 228 14.65 6.26 -32.15
N LEU B 229 14.67 5.14 -31.44
CA LEU B 229 14.00 5.06 -30.14
C LEU B 229 14.70 5.95 -29.12
N PHE B 230 16.03 5.88 -29.09
CA PHE B 230 16.86 6.55 -28.08
C PHE B 230 18.03 7.27 -28.71
N SER B 231 17.71 8.23 -29.57
CA SER B 231 18.69 8.91 -30.37
C SER B 231 19.36 10.08 -29.65
N TYR B 232 18.93 10.36 -28.42
CA TYR B 232 19.48 11.49 -27.66
C TYR B 232 20.71 11.20 -26.80
N LYS B 233 21.10 9.91 -26.73
CA LYS B 233 22.40 9.52 -26.18
C LYS B 233 23.51 10.45 -26.64
N LYS C 19 -21.81 32.31 4.39
CA LYS C 19 -21.60 31.03 3.65
C LYS C 19 -21.32 31.35 2.19
N SER C 20 -22.23 30.90 1.31
CA SER C 20 -22.29 31.32 -0.09
C SER C 20 -21.28 30.64 -1.04
N LYS C 21 -20.00 30.62 -0.63
CA LYS C 21 -18.92 30.05 -1.44
C LYS C 21 -18.42 28.72 -0.86
N THR C 22 -18.21 27.72 -1.72
CA THR C 22 -17.66 26.43 -1.28
C THR C 22 -16.34 26.09 -1.95
N ILE C 23 -15.39 25.56 -1.19
CA ILE C 23 -14.19 25.02 -1.81
C ILE C 23 -14.49 23.71 -2.56
N TRP C 24 -15.69 23.20 -2.41
CA TRP C 24 -15.99 21.88 -2.92
C TRP C 24 -16.70 21.89 -4.25
N GLN C 25 -17.18 23.08 -4.67
CA GLN C 25 -18.03 23.22 -5.87
C GLN C 25 -17.57 22.49 -7.15
N ASN C 26 -16.28 22.33 -7.31
CA ASN C 26 -15.75 21.60 -8.48
C ASN C 26 -15.91 20.08 -8.36
N TYR C 27 -15.80 19.56 -7.14
CA TYR C 27 -16.19 18.19 -6.90
C TYR C 27 -17.71 18.03 -7.08
N ILE C 28 -18.49 18.93 -6.48
CA ILE C 28 -19.95 18.90 -6.60
C ILE C 28 -20.41 18.99 -8.04
N ASP C 29 -19.80 19.87 -8.84
CA ASP C 29 -20.15 19.97 -10.28
C ASP C 29 -19.75 18.74 -11.07
N ALA C 30 -18.63 18.12 -10.70
CA ALA C 30 -18.19 16.92 -11.41
C ALA C 30 -19.14 15.77 -11.19
N LEU C 31 -19.72 15.68 -9.98
CA LEU C 31 -20.66 14.62 -9.57
C LEU C 31 -21.93 14.66 -10.40
N PHE C 32 -22.55 15.84 -10.42
CA PHE C 32 -23.78 16.05 -11.19
C PHE C 32 -23.61 16.25 -12.71
N GLU C 33 -22.39 16.47 -13.18
CA GLU C 33 -22.13 16.30 -14.63
C GLU C 33 -22.13 14.82 -14.96
N THR C 34 -21.60 13.98 -14.06
CA THR C 34 -21.65 12.55 -14.29
C THR C 34 -23.07 11.99 -14.22
N PHE C 35 -23.82 12.41 -13.20
CA PHE C 35 -25.18 11.89 -12.97
C PHE C 35 -26.22 13.00 -13.03
N PRO C 36 -26.57 13.48 -14.24
CA PRO C 36 -27.52 14.61 -14.33
C PRO C 36 -28.99 14.21 -14.15
N GLN C 37 -29.26 12.92 -13.97
CA GLN C 37 -30.59 12.47 -13.60
C GLN C 37 -30.89 12.81 -12.15
N LEU C 38 -29.83 12.99 -11.33
CA LEU C 38 -29.97 13.17 -9.87
C LEU C 38 -30.37 14.56 -9.48
N GLU C 39 -31.66 14.76 -9.32
CA GLU C 39 -32.21 16.07 -9.02
C GLU C 39 -32.96 16.05 -7.70
N ILE C 40 -32.96 17.20 -7.01
CA ILE C 40 -33.53 17.28 -5.66
C ILE C 40 -35.00 16.95 -5.69
N SER C 41 -35.40 15.96 -4.90
CA SER C 41 -36.80 15.52 -4.87
C SER C 41 -37.43 15.89 -3.52
N GLU C 42 -36.55 16.16 -2.54
CA GLU C 42 -36.94 16.56 -1.21
C GLU C 42 -35.77 17.34 -0.61
N VAL C 43 -36.02 18.57 -0.17
CA VAL C 43 -35.03 19.25 0.67
C VAL C 43 -35.35 18.88 2.11
N TRP C 44 -34.58 17.94 2.65
CA TRP C 44 -34.87 17.37 3.97
C TRP C 44 -34.68 18.40 5.10
N ALA C 45 -33.55 19.10 5.12
CA ALA C 45 -33.30 20.14 6.12
C ALA C 45 -32.60 21.35 5.53
N LYS C 46 -32.88 22.50 6.15
CA LYS C 46 -32.03 23.66 6.10
C LYS C 46 -32.13 24.30 7.47
N TRP C 47 -31.01 24.30 8.15
CA TRP C 47 -30.97 24.66 9.56
C TRP C 47 -29.89 25.70 9.77
N ASP C 48 -30.15 26.63 10.69
CA ASP C 48 -29.13 27.52 11.23
C ASP C 48 -28.76 27.01 12.61
N GLY C 49 -27.53 27.28 13.01
CA GLY C 49 -27.03 26.81 14.30
C GLY C 49 -25.70 27.43 14.66
N GLY C 50 -24.99 26.78 15.58
CA GLY C 50 -23.69 27.25 16.07
C GLY C 50 -23.82 28.55 16.88
N ASN C 51 -22.79 29.39 16.81
CA ASN C 51 -22.80 30.67 17.48
C ASN C 51 -23.75 31.66 16.81
N VAL C 52 -24.23 32.58 17.63
CA VAL C 52 -25.20 33.57 17.20
C VAL C 52 -24.50 34.88 16.93
N THR C 53 -24.88 35.52 15.82
CA THR C 53 -24.63 36.95 15.61
C THR C 53 -25.98 37.68 15.53
N GLY C 56 -28.67 34.84 11.85
CA GLY C 56 -28.07 33.67 12.48
C GLY C 56 -26.94 34.02 13.43
N GLY C 57 -26.19 33.02 13.91
CA GLY C 57 -26.38 31.62 13.50
C GLY C 57 -25.35 31.30 12.43
N ASP C 58 -24.10 31.12 12.86
CA ASP C 58 -22.96 31.00 11.96
C ASP C 58 -22.80 29.62 11.28
N ALA C 59 -23.35 28.57 11.88
CA ALA C 59 -23.32 27.22 11.31
C ALA C 59 -24.59 26.92 10.55
N LYS C 60 -24.47 26.32 9.37
CA LYS C 60 -25.63 26.03 8.52
C LYS C 60 -25.57 24.62 7.92
N LEU C 61 -26.73 24.00 7.75
CA LEU C 61 -26.81 22.69 7.12
C LEU C 61 -27.79 22.72 5.93
N THR C 62 -27.37 22.20 4.77
CA THR C 62 -28.32 21.80 3.72
C THR C 62 -28.33 20.28 3.65
N ALA C 63 -29.51 19.69 3.72
CA ALA C 63 -29.65 18.25 3.46
C ALA C 63 -30.67 18.01 2.36
N ASN C 64 -30.22 17.47 1.24
CA ASN C 64 -31.10 17.13 0.12
C ASN C 64 -31.15 15.62 -0.07
N ILE C 65 -32.33 15.15 -0.47
CA ILE C 65 -32.52 13.83 -1.02
C ILE C 65 -32.79 14.03 -2.50
N ARG C 66 -31.95 13.39 -3.32
CA ARG C 66 -32.07 13.42 -4.76
C ARG C 66 -32.43 12.05 -5.27
N THR C 67 -33.09 12.01 -6.42
CA THR C 67 -33.49 10.75 -7.03
C THR C 67 -33.25 10.84 -8.51
N GLY C 68 -33.43 9.74 -9.21
CA GLY C 68 -33.37 9.74 -10.67
C GLY C 68 -32.97 8.39 -11.18
N GLU C 69 -32.97 8.27 -12.50
CA GLU C 69 -32.74 6.98 -13.16
C GLU C 69 -31.54 6.19 -12.60
N HIS C 70 -31.80 4.96 -12.15
CA HIS C 70 -30.78 3.98 -11.67
C HIS C 70 -30.45 4.06 -10.18
N PHE C 71 -31.02 5.06 -9.52
CA PHE C 71 -30.65 5.29 -8.12
C PHE C 71 -31.85 5.20 -7.17
N LEU C 72 -31.64 4.59 -6.00
CA LEU C 72 -32.61 4.61 -4.91
C LEU C 72 -32.73 6.05 -4.38
N LYS C 73 -31.58 6.62 -4.00
CA LYS C 73 -31.50 8.01 -3.61
C LYS C 73 -30.05 8.40 -3.63
N ALA C 74 -29.79 9.69 -3.85
CA ALA C 74 -28.49 10.27 -3.53
C ALA C 74 -28.70 11.20 -2.36
N ARG C 75 -28.02 10.94 -1.26
CA ARG C 75 -28.23 11.80 -0.10
C ARG C 75 -27.04 12.71 0.22
N GLU C 76 -27.31 14.02 0.23
CA GLU C 76 -26.30 15.05 0.12
C GLU C 76 -26.36 15.98 1.35
N ALA C 77 -25.35 15.90 2.21
CA ALA C 77 -25.25 16.76 3.37
C ALA C 77 -24.16 17.81 3.16
N HIS C 78 -24.48 19.06 3.47
CA HIS C 78 -23.47 20.10 3.39
C HIS C 78 -23.51 21.10 4.56
N ILE C 79 -22.50 20.99 5.41
CA ILE C 79 -22.38 21.77 6.63
C ILE C 79 -21.23 22.75 6.45
N VAL C 80 -21.51 24.05 6.61
CA VAL C 80 -20.50 25.12 6.62
C VAL C 80 -20.64 26.01 7.88
N ASP C 81 -19.52 26.40 8.46
CA ASP C 81 -19.50 27.45 9.49
C ASP C 81 -18.21 28.21 9.29
N PRO C 82 -18.08 29.43 9.85
CA PRO C 82 -16.87 30.20 9.58
C PRO C 82 -15.60 29.37 9.34
N ASN C 83 -15.34 28.40 10.20
CA ASN C 83 -14.10 27.66 10.13
C ASN C 83 -14.07 26.51 9.12
N SER C 84 -15.21 25.85 8.91
CA SER C 84 -15.20 24.54 8.28
C SER C 84 -16.28 24.33 7.24
N ASP C 85 -16.10 23.28 6.44
CA ASP C 85 -16.84 23.05 5.20
C ASP C 85 -16.87 21.54 4.88
N ILE C 86 -17.99 20.91 5.16
CA ILE C 86 -18.11 19.44 5.05
C ILE C 86 -19.12 19.05 3.98
N TYR C 87 -18.69 18.24 3.02
CA TYR C 87 -19.60 17.76 2.01
C TYR C 87 -19.62 16.24 2.04
N ASN C 88 -20.76 15.67 2.41
CA ASN C 88 -20.85 14.25 2.68
C ASN C 88 -22.06 13.70 1.96
N THR C 89 -21.76 12.89 0.95
CA THR C 89 -22.74 12.46 -0.01
C THR C 89 -22.52 11.01 -0.38
N ILE C 90 -23.60 10.25 -0.38
CA ILE C 90 -23.59 8.85 -0.80
C ILE C 90 -24.68 8.63 -1.79
N LEU C 91 -24.34 8.01 -2.91
CA LEU C 91 -25.31 7.63 -3.91
C LEU C 91 -25.62 6.15 -3.68
N TYR C 92 -26.90 5.83 -3.47
CA TYR C 92 -27.37 4.45 -3.22
C TYR C 92 -28.01 4.00 -4.50
N PRO C 93 -27.39 3.05 -5.23
CA PRO C 93 -28.10 2.82 -6.50
C PRO C 93 -29.25 1.85 -6.23
N LYS C 94 -30.16 1.72 -7.19
CA LYS C 94 -31.19 0.72 -7.09
C LYS C 94 -30.54 -0.66 -6.91
N THR C 95 -31.30 -1.61 -6.39
CA THR C 95 -30.73 -2.88 -6.03
C THR C 95 -31.04 -3.88 -7.16
N GLY C 96 -30.47 -5.07 -7.07
CA GLY C 96 -30.71 -6.07 -8.10
C GLY C 96 -29.54 -6.42 -8.97
N ALA C 97 -28.43 -5.70 -8.83
CA ALA C 97 -27.20 -5.95 -9.60
C ALA C 97 -25.96 -5.92 -8.71
N ASP C 98 -26.14 -5.96 -7.39
CA ASP C 98 -25.03 -6.18 -6.42
C ASP C 98 -23.98 -5.06 -6.44
N LEU C 99 -24.40 -3.88 -6.92
CA LEU C 99 -23.53 -2.72 -7.02
C LEU C 99 -23.17 -2.07 -5.67
N PRO C 100 -21.96 -1.46 -5.59
CA PRO C 100 -21.62 -0.68 -4.41
C PRO C 100 -22.27 0.71 -4.47
N CYS C 101 -22.43 1.32 -3.30
CA CYS C 101 -22.72 2.75 -3.26
C CYS C 101 -21.41 3.50 -3.54
N PHE C 102 -21.55 4.73 -4.00
CA PHE C 102 -20.43 5.63 -4.09
C PHE C 102 -20.62 6.73 -3.03
N GLY C 103 -19.71 6.78 -2.06
CA GLY C 103 -19.74 7.77 -1.01
C GLY C 103 -18.46 8.59 -1.04
N MET C 104 -18.52 9.76 -0.40
CA MET C 104 -17.44 10.74 -0.39
C MET C 104 -17.65 11.60 0.84
N ASP C 105 -16.56 11.94 1.52
CA ASP C 105 -16.61 12.83 2.66
C ASP C 105 -15.51 13.85 2.49
N LEU C 106 -15.91 15.03 2.03
CA LEU C 106 -15.03 16.12 1.72
C LEU C 106 -15.06 17.06 2.93
N MET C 107 -14.02 17.05 3.74
CA MET C 107 -14.08 17.73 5.04
C MET C 107 -12.98 18.78 5.23
N LYS C 108 -13.34 20.05 5.17
CA LYS C 108 -12.40 21.10 5.58
C LYS C 108 -12.69 21.50 7.01
N PHE C 109 -11.67 21.43 7.86
CA PHE C 109 -11.80 21.69 9.30
C PHE C 109 -11.07 22.96 9.74
N SER C 110 -9.95 23.24 9.06
CA SER C 110 -9.07 24.35 9.44
C SER C 110 -8.75 25.10 8.16
N ASP C 111 -7.49 25.51 8.00
CA ASP C 111 -7.11 26.03 6.68
C ASP C 111 -5.67 26.11 6.11
N LYS C 112 -4.73 25.17 6.36
CA LYS C 112 -4.56 24.21 7.47
C LYS C 112 -4.95 22.72 7.35
N LYS C 113 -6.24 22.40 7.29
CA LYS C 113 -6.65 21.01 7.47
C LYS C 113 -7.91 20.58 6.72
N VAL C 114 -7.72 19.75 5.68
CA VAL C 114 -8.85 19.06 5.04
C VAL C 114 -8.53 17.60 4.81
N ILE C 115 -9.60 16.80 4.74
CA ILE C 115 -9.50 15.39 4.46
C ILE C 115 -10.51 15.11 3.36
N ILE C 116 -10.05 14.47 2.29
CA ILE C 116 -10.88 14.04 1.19
C ILE C 116 -10.99 12.52 1.28
N VAL C 117 -12.22 12.03 1.28
CA VAL C 117 -12.48 10.59 1.25
C VAL C 117 -13.48 10.30 0.15
N PHE C 118 -13.13 9.37 -0.74
CA PHE C 118 -14.12 8.75 -1.60
C PHE C 118 -13.81 7.29 -1.92
N ASP C 119 -14.85 6.54 -2.27
CA ASP C 119 -14.73 5.12 -2.41
C ASP C 119 -16.07 4.51 -2.80
N PHE C 120 -15.99 3.35 -3.45
CA PHE C 120 -17.13 2.48 -3.71
C PHE C 120 -17.44 1.70 -2.46
N GLN C 121 -18.69 1.79 -2.00
CA GLN C 121 -19.05 1.21 -0.74
C GLN C 121 -20.06 0.11 -0.92
N HIS C 122 -19.60 -1.13 -0.73
CA HIS C 122 -20.38 -2.27 -1.15
C HIS C 122 -21.29 -2.58 0.03
N PRO C 123 -22.58 -2.91 -0.20
CA PRO C 123 -23.46 -3.26 0.90
C PRO C 123 -23.16 -4.62 1.57
N ARG C 124 -22.51 -5.52 0.86
CA ARG C 124 -22.10 -6.83 1.42
C ARG C 124 -20.99 -6.59 2.42
N GLU C 125 -21.21 -6.97 3.67
CA GLU C 125 -20.19 -6.80 4.70
C GLU C 125 -19.07 -7.83 4.55
N LYS C 126 -17.89 -7.50 5.06
CA LYS C 126 -16.75 -8.42 5.02
C LYS C 126 -16.38 -8.93 3.62
N TYR C 127 -16.67 -8.12 2.59
CA TYR C 127 -16.39 -8.44 1.20
C TYR C 127 -15.45 -7.37 0.65
N LEU C 128 -14.32 -7.78 0.08
CA LEU C 128 -13.42 -6.82 -0.51
C LEU C 128 -13.83 -6.56 -1.95
N PHE C 129 -14.26 -5.34 -2.22
CA PHE C 129 -14.57 -4.92 -3.61
C PHE C 129 -13.37 -4.14 -4.20
N SER C 130 -13.15 -4.27 -5.51
CA SER C 130 -12.09 -3.49 -6.20
C SER C 130 -12.39 -3.20 -7.67
N VAL C 131 -11.72 -2.18 -8.18
CA VAL C 131 -11.77 -1.77 -9.58
C VAL C 131 -10.30 -1.73 -10.02
N ASP C 132 -9.96 -2.57 -10.98
CA ASP C 132 -8.56 -2.65 -11.42
C ASP C 132 -8.25 -1.43 -12.27
N GLY C 133 -7.07 -0.84 -12.05
CA GLY C 133 -6.77 0.39 -12.77
C GLY C 133 -6.94 1.64 -11.93
N LEU C 134 -7.53 1.49 -10.75
CA LEU C 134 -7.71 2.62 -9.82
C LEU C 134 -6.68 2.55 -8.70
N PRO C 135 -6.34 3.71 -8.12
CA PRO C 135 -5.35 3.75 -7.05
C PRO C 135 -5.71 2.69 -6.02
N GLU C 136 -4.72 1.92 -5.58
CA GLU C 136 -4.86 0.88 -4.55
C GLU C 136 -4.08 1.31 -3.33
N ASP C 137 -4.30 2.55 -2.96
CA ASP C 137 -3.75 3.13 -1.77
C ASP C 137 -4.71 2.98 -0.59
N ASP C 138 -4.24 3.48 0.55
CA ASP C 138 -5.11 4.01 1.62
C ASP C 138 -5.70 2.98 2.57
N GLY C 139 -5.33 1.71 2.39
CA GLY C 139 -5.74 0.65 3.31
C GLY C 139 -5.08 0.75 4.68
N LYS C 140 -3.96 1.48 4.71
CA LYS C 140 -3.26 1.78 5.94
C LYS C 140 -4.05 2.74 6.84
N TYR C 141 -4.89 3.56 6.22
CA TYR C 141 -5.72 4.56 6.93
C TYR C 141 -6.46 3.96 8.13
N ARG C 142 -6.33 4.61 9.29
CA ARG C 142 -6.79 4.08 10.58
C ARG C 142 -8.31 4.14 10.80
N PHE C 143 -8.93 5.23 10.37
CA PHE C 143 -10.32 5.49 10.70
C PHE C 143 -11.29 4.52 10.04
N PHE C 144 -10.89 3.95 8.90
CA PHE C 144 -11.74 3.04 8.14
C PHE C 144 -11.15 1.67 7.91
N GLU C 145 -12.00 0.70 7.61
CA GLU C 145 -11.62 -0.70 7.56
C GLU C 145 -11.82 -1.21 6.12
N MET C 146 -10.72 -1.41 5.41
CA MET C 146 -10.76 -1.89 4.02
C MET C 146 -11.28 -3.32 4.00
N GLY C 147 -12.18 -3.62 3.08
CA GLY C 147 -12.79 -4.95 3.03
C GLY C 147 -14.10 -5.05 3.77
N ASN C 148 -14.44 -4.00 4.53
CA ASN C 148 -15.72 -3.91 5.21
C ASN C 148 -16.41 -2.58 4.91
N HIS C 149 -17.15 -2.56 3.80
CA HIS C 149 -17.88 -1.39 3.33
C HIS C 149 -16.97 -0.31 2.72
N PHE C 150 -15.65 -0.56 2.77
CA PHE C 150 -14.65 0.21 1.99
C PHE C 150 -13.86 -0.73 1.03
N SER C 151 -13.64 -0.24 -0.18
CA SER C 151 -13.01 -1.05 -1.21
C SER C 151 -11.49 -0.93 -1.15
N LYS C 152 -10.84 -1.76 -1.97
CA LYS C 152 -9.39 -1.77 -2.18
C LYS C 152 -8.90 -0.43 -2.75
N ASN C 153 -9.79 0.27 -3.44
CA ASN C 153 -9.47 1.59 -4.01
C ASN C 153 -9.92 2.81 -3.18
N ILE C 154 -10.08 2.66 -1.87
CA ILE C 154 -10.46 3.75 -0.99
C ILE C 154 -9.44 4.85 -1.23
N PHE C 155 -9.91 6.07 -1.47
CA PHE C 155 -9.07 7.24 -1.70
C PHE C 155 -9.22 8.16 -0.50
N VAL C 156 -8.14 8.27 0.27
CA VAL C 156 -8.01 9.22 1.38
C VAL C 156 -6.76 10.08 1.20
N ARG C 157 -6.90 11.39 1.33
CA ARG C 157 -5.78 12.33 1.31
C ARG C 157 -6.06 13.50 2.27
N TYR C 158 -5.08 13.79 3.11
CA TYR C 158 -5.03 15.04 3.86
C TYR C 158 -4.38 16.07 2.98
N CYS C 159 -4.88 17.30 3.00
CA CYS C 159 -4.27 18.42 2.30
C CYS C 159 -4.74 19.75 2.87
N LYS C 160 -4.51 20.83 2.13
CA LYS C 160 -4.89 22.17 2.56
C LYS C 160 -6.01 22.62 1.64
N PRO C 161 -6.86 23.56 2.12
CA PRO C 161 -8.00 24.09 1.38
C PRO C 161 -7.71 24.59 -0.04
N ASP C 162 -6.48 25.04 -0.30
CA ASP C 162 -6.15 25.62 -1.60
C ASP C 162 -5.66 24.55 -2.56
N GLU C 163 -5.52 23.32 -2.05
CA GLU C 163 -4.92 22.22 -2.80
C GLU C 163 -5.93 21.18 -3.31
N VAL C 164 -7.18 21.27 -2.87
CA VAL C 164 -8.14 20.19 -3.05
C VAL C 164 -8.37 19.71 -4.48
N ASP C 165 -8.31 20.63 -5.44
CA ASP C 165 -8.64 20.28 -6.81
C ASP C 165 -7.53 19.50 -7.55
N GLN C 166 -6.43 19.24 -6.85
CA GLN C 166 -5.37 18.42 -7.40
C GLN C 166 -5.80 16.94 -7.48
N TYR C 167 -6.90 16.59 -6.81
CA TYR C 167 -7.39 15.20 -6.84
C TYR C 167 -8.73 15.06 -7.55
N LEU C 168 -9.18 16.16 -8.16
CA LEU C 168 -10.44 16.21 -8.88
C LEU C 168 -10.47 15.33 -10.10
N ASP C 169 -9.36 15.26 -10.85
CA ASP C 169 -9.28 14.34 -11.99
C ASP C 169 -9.25 12.89 -11.53
N THR C 170 -8.61 12.60 -10.41
CA THR C 170 -8.77 11.24 -9.84
C THR C 170 -10.28 10.96 -9.49
N PHE C 171 -10.94 11.95 -8.91
CA PHE C 171 -12.33 11.83 -8.49
C PHE C 171 -13.26 11.62 -9.72
N LYS C 172 -12.98 12.32 -10.81
CA LYS C 172 -13.77 12.13 -12.04
C LYS C 172 -13.56 10.75 -12.68
N LEU C 173 -12.38 10.17 -12.42
CA LEU C 173 -12.08 8.81 -12.84
C LEU C 173 -12.85 7.76 -12.03
N TYR C 174 -12.96 7.92 -10.70
CA TYR C 174 -13.90 7.08 -9.90
C TYR C 174 -15.34 7.19 -10.40
N LEU C 175 -15.73 8.42 -10.77
CA LEU C 175 -17.08 8.69 -11.24
C LEU C 175 -17.38 8.09 -12.59
N THR C 176 -16.41 8.13 -13.50
CA THR C 176 -16.52 7.45 -14.81
C THR C 176 -16.68 5.96 -14.56
N LYS C 177 -15.85 5.40 -13.70
CA LYS C 177 -15.96 3.97 -13.42
C LYS C 177 -17.30 3.59 -12.81
N TYR C 178 -17.82 4.41 -11.89
CA TYR C 178 -19.12 4.17 -11.28
C TYR C 178 -20.29 4.25 -12.30
N LYS C 179 -20.28 5.27 -13.14
CA LYS C 179 -21.34 5.47 -14.11
C LYS C 179 -21.33 4.31 -15.05
N GLU C 180 -20.15 3.80 -15.40
CA GLU C 180 -20.07 2.66 -16.30
C GLU C 180 -20.63 1.38 -15.69
N MET C 181 -20.39 1.16 -14.41
CA MET C 181 -20.99 -0.02 -13.77
C MET C 181 -22.52 0.13 -13.62
N ILE C 182 -22.98 1.34 -13.28
CA ILE C 182 -24.40 1.72 -13.29
C ILE C 182 -25.07 1.49 -14.67
N ASP C 183 -24.41 1.97 -15.73
CA ASP C 183 -24.91 1.80 -17.08
C ASP C 183 -24.82 0.38 -17.66
N ASN C 184 -23.72 -0.31 -17.43
CA ASN C 184 -23.63 -1.72 -17.85
C ASN C 184 -24.63 -2.62 -17.14
N ASN C 185 -25.18 -2.17 -16.00
CA ASN C 185 -26.07 -3.01 -15.20
C ASN C 185 -27.54 -2.60 -15.16
N LYS C 186 -27.76 -1.28 -15.14
CA LYS C 186 -29.09 -0.68 -15.07
C LYS C 186 -29.99 -1.30 -13.99
N PRO C 187 -29.61 -1.16 -12.71
CA PRO C 187 -30.36 -1.81 -11.62
C PRO C 187 -31.77 -1.20 -11.46
N VAL C 188 -32.74 -2.00 -11.02
CA VAL C 188 -34.13 -1.53 -10.92
C VAL C 188 -34.82 -1.90 -9.61
N GLY C 189 -34.16 -2.69 -8.77
CA GLY C 189 -34.73 -3.08 -7.49
C GLY C 189 -34.83 -1.92 -6.52
N GLU C 190 -35.74 -2.04 -5.56
CA GLU C 190 -36.05 -0.97 -4.65
C GLU C 190 -36.01 -1.49 -3.22
N ASP C 191 -35.28 -2.57 -3.02
CA ASP C 191 -35.13 -3.21 -1.71
C ASP C 191 -34.05 -2.50 -0.86
N THR C 192 -34.49 -1.52 -0.08
CA THR C 192 -33.62 -0.74 0.80
C THR C 192 -32.92 -1.56 1.91
N THR C 193 -33.47 -2.74 2.22
CA THR C 193 -32.93 -3.65 3.26
C THR C 193 -31.51 -4.16 2.94
N VAL C 194 -31.17 -4.16 1.66
CA VAL C 194 -29.82 -4.43 1.17
C VAL C 194 -28.75 -3.54 1.86
N TYR C 195 -29.11 -2.28 2.14
CA TYR C 195 -28.21 -1.27 2.70
C TYR C 195 -28.29 -1.21 4.23
N SER C 196 -29.06 -2.12 4.83
CA SER C 196 -29.16 -2.17 6.30
C SER C 196 -27.83 -2.27 7.02
N ASP C 197 -27.02 -3.28 6.68
CA ASP C 197 -25.76 -3.57 7.40
C ASP C 197 -24.85 -2.39 7.19
N PHE C 198 -24.91 -1.86 5.97
CA PHE C 198 -24.10 -0.72 5.59
C PHE C 198 -24.40 0.48 6.47
N ASP C 199 -25.66 0.87 6.51
CA ASP C 199 -26.04 2.07 7.23
C ASP C 199 -25.80 1.88 8.71
N THR C 200 -26.03 0.64 9.18
CA THR C 200 -25.80 0.30 10.57
C THR C 200 -24.35 0.60 10.92
N TYR C 201 -23.42 0.16 10.06
CA TYR C 201 -21.99 0.28 10.27
C TYR C 201 -21.56 1.75 10.30
N MET C 202 -22.02 2.48 9.30
CA MET C 202 -21.69 3.89 9.13
C MET C 202 -22.10 4.75 10.32
N THR C 203 -23.25 4.43 10.88
CA THR C 203 -23.77 5.13 12.06
C THR C 203 -22.87 4.99 13.30
N GLU C 204 -21.99 3.98 13.32
CA GLU C 204 -21.05 3.80 14.45
C GLU C 204 -19.79 4.69 14.36
N LEU C 205 -19.73 5.51 13.31
CA LEU C 205 -18.63 6.41 13.05
C LEU C 205 -18.84 7.76 13.73
N ASP C 206 -17.79 8.27 14.38
CA ASP C 206 -17.82 9.58 15.01
C ASP C 206 -17.23 10.63 14.07
N PRO C 207 -17.47 11.92 14.34
CA PRO C 207 -18.28 12.51 15.40
C PRO C 207 -19.55 13.22 14.92
N VAL C 208 -20.09 12.86 13.76
CA VAL C 208 -21.27 13.59 13.25
C VAL C 208 -22.33 13.78 14.36
N ARG C 209 -22.57 12.71 15.10
CA ARG C 209 -23.52 12.67 16.22
C ARG C 209 -23.32 13.84 17.19
N GLY C 210 -22.20 13.84 17.90
CA GLY C 210 -21.89 14.84 18.91
C GLY C 210 -21.54 16.21 18.39
N TYR C 211 -21.17 16.28 17.11
CA TYR C 211 -20.89 17.55 16.47
C TYR C 211 -22.18 18.29 16.10
N MET C 212 -23.15 17.54 15.57
CA MET C 212 -24.45 18.08 15.26
C MET C 212 -25.25 18.38 16.54
N LYS C 213 -25.02 17.57 17.57
CA LYS C 213 -25.57 17.80 18.90
C LYS C 213 -25.28 19.20 19.38
N ASN C 214 -23.98 19.52 19.46
CA ASN C 214 -23.47 20.79 19.90
C ASN C 214 -23.95 21.97 19.05
N LYS C 215 -23.94 21.78 17.73
CA LYS C 215 -24.26 22.90 16.87
C LYS C 215 -25.75 23.12 16.65
N PHE C 216 -26.52 22.04 16.73
CA PHE C 216 -27.91 22.08 16.29
C PHE C 216 -28.98 21.63 17.32
N GLY C 217 -28.58 20.87 18.33
CA GLY C 217 -29.56 20.26 19.22
C GLY C 217 -29.62 18.74 19.13
N GLU C 218 -30.00 18.11 20.24
CA GLU C 218 -30.12 16.64 20.33
C GLU C 218 -31.18 16.04 19.40
N GLY C 219 -32.34 16.69 19.34
CA GLY C 219 -33.42 16.22 18.49
C GLY C 219 -33.00 16.20 17.04
N ARG C 220 -32.34 17.28 16.62
CA ARG C 220 -31.92 17.49 15.24
C ARG C 220 -30.74 16.60 14.82
N SER C 221 -29.79 16.39 15.73
CA SER C 221 -28.67 15.50 15.48
C SER C 221 -29.12 14.06 15.31
N GLU C 222 -30.06 13.62 16.15
CA GLU C 222 -30.64 12.29 16.09
C GLU C 222 -31.39 12.04 14.79
N ALA C 223 -32.27 12.97 14.44
CA ALA C 223 -33.00 12.91 13.17
C ALA C 223 -32.08 12.96 11.95
N PHE C 224 -31.00 13.73 12.02
CA PHE C 224 -30.05 13.86 10.92
C PHE C 224 -29.33 12.53 10.69
N VAL C 225 -28.82 11.92 11.77
CA VAL C 225 -28.12 10.67 11.67
C VAL C 225 -29.08 9.54 11.25
N ASN C 226 -30.22 9.46 11.94
CA ASN C 226 -31.03 8.26 11.83
C ASN C 226 -32.07 8.30 10.78
N ASP C 227 -32.51 9.52 10.45
CA ASP C 227 -33.56 9.71 9.45
C ASP C 227 -33.04 10.28 8.13
N PHE C 228 -31.86 10.91 8.11
CA PHE C 228 -31.31 11.38 6.85
C PHE C 228 -30.03 10.71 6.31
N LEU C 229 -28.98 10.69 7.12
CA LEU C 229 -27.68 10.23 6.66
C LEU C 229 -27.71 8.73 6.43
N PHE C 230 -28.23 8.00 7.39
CA PHE C 230 -28.16 6.54 7.39
C PHE C 230 -29.49 5.92 7.81
N SER C 231 -30.50 6.13 6.97
CA SER C 231 -31.89 5.78 7.29
C SER C 231 -32.34 4.41 6.83
N TYR C 232 -31.48 3.69 6.12
CA TYR C 232 -31.82 2.36 5.68
C TYR C 232 -31.54 1.31 6.75
N LYS C 233 -31.31 1.73 8.00
CA LYS C 233 -31.01 0.80 9.10
C LYS C 233 -32.14 -0.18 9.39
N LYS D 21 3.38 1.05 38.49
CA LYS D 21 3.78 0.47 37.18
C LYS D 21 3.02 1.07 35.97
N THR D 22 3.14 0.41 34.82
CA THR D 22 2.80 0.95 33.49
C THR D 22 2.06 -0.05 32.62
N ILE D 23 1.17 0.44 31.74
CA ILE D 23 0.66 -0.38 30.64
C ILE D 23 1.76 -0.71 29.64
N TRP D 24 2.93 -0.11 29.84
CA TRP D 24 4.06 -0.18 28.91
C TRP D 24 5.17 -1.12 29.37
N GLN D 25 5.01 -1.73 30.54
CA GLN D 25 6.06 -2.56 31.16
C GLN D 25 6.59 -3.68 30.26
N ASN D 26 5.71 -4.22 29.41
CA ASN D 26 6.08 -5.35 28.57
C ASN D 26 6.92 -4.85 27.39
N TYR D 27 6.65 -3.64 26.95
CA TYR D 27 7.48 -2.98 25.94
C TYR D 27 8.85 -2.66 26.50
N ILE D 28 8.85 -1.96 27.62
CA ILE D 28 10.05 -1.65 28.40
C ILE D 28 10.87 -2.89 28.68
N ASP D 29 10.20 -3.97 29.09
CA ASP D 29 10.89 -5.24 29.33
C ASP D 29 11.45 -5.73 28.00
N ALA D 30 10.69 -5.60 26.91
CA ALA D 30 11.17 -6.08 25.62
C ALA D 30 12.50 -5.38 25.30
N LEU D 31 12.50 -4.06 25.45
CA LEU D 31 13.63 -3.21 25.03
C LEU D 31 14.95 -3.64 25.69
N PHE D 32 14.93 -3.80 27.01
CA PHE D 32 16.17 -4.12 27.74
C PHE D 32 16.50 -5.62 27.85
N GLU D 33 15.61 -6.49 27.38
CA GLU D 33 15.97 -7.92 27.12
C GLU D 33 16.89 -8.00 25.89
N THR D 34 16.55 -7.22 24.87
CA THR D 34 17.36 -7.18 23.67
C THR D 34 18.68 -6.45 23.96
N PHE D 35 18.63 -5.41 24.79
CA PHE D 35 19.79 -4.55 25.05
C PHE D 35 20.04 -4.47 26.55
N PRO D 36 20.46 -5.60 27.15
CA PRO D 36 20.63 -5.64 28.59
C PRO D 36 21.88 -4.85 29.03
N GLN D 37 22.72 -4.44 28.08
CA GLN D 37 23.90 -3.65 28.42
C GLN D 37 23.57 -2.22 28.83
N LEU D 38 22.37 -1.72 28.43
CA LEU D 38 21.97 -0.33 28.68
C LEU D 38 21.51 -0.13 30.12
N GLU D 39 22.48 0.12 31.01
CA GLU D 39 22.21 0.27 32.43
C GLU D 39 22.12 1.74 32.78
N ILE D 40 21.22 2.11 33.70
CA ILE D 40 21.09 3.48 34.19
C ILE D 40 22.46 3.94 34.67
N SER D 41 22.95 5.06 34.15
CA SER D 41 24.19 5.64 34.68
C SER D 41 23.98 7.03 35.26
N GLU D 42 22.84 7.63 34.93
CA GLU D 42 22.44 8.86 35.60
C GLU D 42 20.94 8.96 35.71
N VAL D 43 20.44 9.18 36.91
CA VAL D 43 19.03 9.54 37.05
C VAL D 43 19.09 11.06 36.94
N TRP D 44 18.61 11.58 35.81
CA TRP D 44 18.72 13.00 35.47
C TRP D 44 17.67 13.81 36.23
N ALA D 45 16.47 13.24 36.36
CA ALA D 45 15.37 13.84 37.12
C ALA D 45 14.45 12.78 37.71
N LYS D 46 14.00 13.05 38.93
CA LYS D 46 12.82 12.41 39.50
C LYS D 46 12.01 13.56 40.07
N TRP D 47 10.94 13.90 39.39
CA TRP D 47 10.17 15.09 39.73
C TRP D 47 8.71 14.77 40.00
N ASP D 48 8.16 15.46 41.00
CA ASP D 48 6.73 15.45 41.27
C ASP D 48 6.15 16.81 40.88
N GLY D 49 4.91 16.82 40.38
CA GLY D 49 4.30 18.00 39.78
C GLY D 49 2.84 17.73 39.52
N GLY D 50 2.22 18.54 38.67
CA GLY D 50 0.80 18.37 38.36
C GLY D 50 -0.09 18.92 39.47
N ASN D 51 -1.31 18.38 39.59
CA ASN D 51 -2.26 18.79 40.62
C ASN D 51 -1.75 18.35 42.00
N VAL D 52 -2.16 19.05 43.06
CA VAL D 52 -1.68 18.78 44.44
C VAL D 52 -2.49 17.70 45.18
N THR D 53 -1.80 16.90 46.00
CA THR D 53 -2.41 15.78 46.72
C THR D 53 -1.63 15.54 48.00
N LYS D 54 -1.02 14.35 48.10
CA LYS D 54 -0.24 13.95 49.26
C LYS D 54 1.23 13.69 48.88
N ASP D 55 2.12 14.32 49.64
CA ASP D 55 3.60 14.21 49.49
C ASP D 55 4.18 14.62 48.15
N GLY D 56 3.43 15.48 47.45
CA GLY D 56 3.86 16.05 46.18
C GLY D 56 2.64 16.35 45.32
N GLY D 57 2.58 15.67 44.18
CA GLY D 57 1.53 15.87 43.21
C GLY D 57 1.11 14.58 42.56
N ASP D 58 0.15 14.68 41.64
CA ASP D 58 -0.41 13.53 40.95
C ASP D 58 0.42 13.12 39.70
N ALA D 59 1.21 14.07 39.18
CA ALA D 59 2.07 13.85 38.01
C ALA D 59 3.48 13.50 38.45
N LYS D 60 4.08 12.54 37.75
CA LYS D 60 5.42 12.10 38.11
C LYS D 60 6.29 11.90 36.89
N LEU D 61 7.49 12.49 36.90
CA LEU D 61 8.44 12.25 35.81
C LEU D 61 9.66 11.54 36.32
N THR D 62 10.08 10.50 35.59
CA THR D 62 11.34 9.81 35.86
C THR D 62 12.16 9.92 34.60
N ALA D 63 13.41 10.37 34.71
CA ALA D 63 14.25 10.60 33.52
C ALA D 63 15.65 10.04 33.73
N ASN D 64 15.95 8.92 33.05
CA ASN D 64 17.27 8.23 33.13
C ASN D 64 18.12 8.36 31.89
N ILE D 65 19.42 8.52 32.11
CA ILE D 65 20.40 8.31 31.05
C ILE D 65 20.96 6.90 31.23
N ARG D 66 20.89 6.09 30.18
CA ARG D 66 21.57 4.79 30.21
C ARG D 66 22.70 4.75 29.18
N THR D 67 23.75 4.00 29.48
CA THR D 67 24.88 3.86 28.57
C THR D 67 25.38 2.43 28.62
N GLY D 68 26.03 1.99 27.55
CA GLY D 68 26.66 0.68 27.58
C GLY D 68 27.06 0.33 26.18
N GLU D 69 27.69 -0.83 26.05
CA GLU D 69 28.24 -1.34 24.78
C GLU D 69 27.41 -0.94 23.57
N HIS D 70 28.04 -0.24 22.63
CA HIS D 70 27.53 0.13 21.28
C HIS D 70 26.76 1.43 21.21
N PHE D 71 26.50 2.06 22.36
CA PHE D 71 25.71 3.29 22.38
C PHE D 71 26.42 4.45 23.01
N LEU D 72 26.11 5.64 22.49
CA LEU D 72 26.49 6.89 23.14
C LEU D 72 25.65 6.95 24.41
N LYS D 73 24.34 6.81 24.24
CA LYS D 73 23.40 6.84 25.34
C LYS D 73 22.07 6.29 24.92
N ALA D 74 21.29 5.84 25.90
CA ALA D 74 19.84 5.75 25.80
C ALA D 74 19.23 6.75 26.80
N ARG D 75 18.38 7.63 26.32
CA ARG D 75 17.68 8.56 27.21
C ARG D 75 16.19 8.18 27.37
N GLU D 76 15.84 7.86 28.60
CA GLU D 76 14.53 7.29 28.95
C GLU D 76 13.67 8.25 29.81
N ALA D 77 12.57 8.76 29.25
CA ALA D 77 11.61 9.60 29.97
C ALA D 77 10.31 8.83 30.28
N HIS D 78 9.85 8.90 31.51
CA HIS D 78 8.60 8.24 31.85
C HIS D 78 7.73 9.14 32.71
N ILE D 79 6.67 9.68 32.10
CA ILE D 79 5.79 10.65 32.75
C ILE D 79 4.43 9.98 32.97
N VAL D 80 3.87 10.11 34.17
CA VAL D 80 2.61 9.44 34.50
C VAL D 80 1.77 10.22 35.50
N ASP D 81 0.48 10.34 35.22
CA ASP D 81 -0.47 10.82 36.24
C ASP D 81 -1.82 10.08 36.08
N PRO D 82 -2.78 10.30 37.02
CA PRO D 82 -4.06 9.58 36.95
C PRO D 82 -4.48 9.17 35.53
N ASN D 83 -4.76 10.14 34.66
CA ASN D 83 -5.17 9.84 33.29
C ASN D 83 -4.07 9.84 32.20
N SER D 84 -2.81 9.56 32.60
CA SER D 84 -1.68 9.70 31.66
C SER D 84 -0.52 8.75 31.88
N ASP D 85 0.05 8.27 30.77
CA ASP D 85 1.25 7.43 30.78
C ASP D 85 2.08 7.57 29.49
N ILE D 86 3.15 8.36 29.56
CA ILE D 86 4.03 8.59 28.39
C ILE D 86 5.40 7.98 28.64
N TYR D 87 5.91 7.26 27.66
CA TYR D 87 7.26 6.66 27.70
C TYR D 87 7.95 7.04 26.42
N ASN D 88 8.83 8.04 26.53
CA ASN D 88 9.53 8.63 25.42
C ASN D 88 10.96 8.21 25.52
N THR D 89 11.39 7.29 24.65
CA THR D 89 12.75 6.78 24.74
C THR D 89 13.49 6.67 23.40
N ILE D 90 14.74 7.14 23.39
CA ILE D 90 15.62 7.04 22.21
C ILE D 90 16.96 6.48 22.58
N LEU D 91 17.41 5.56 21.72
CA LEU D 91 18.73 4.97 21.74
C LEU D 91 19.62 5.62 20.70
N TYR D 92 20.72 6.22 21.15
CA TYR D 92 21.73 6.82 20.29
C TYR D 92 22.91 5.87 20.16
N PRO D 93 23.05 5.23 18.98
CA PRO D 93 24.16 4.30 18.96
C PRO D 93 25.47 5.07 18.75
N LYS D 94 26.58 4.42 19.05
CA LYS D 94 27.84 5.05 18.76
C LYS D 94 27.93 5.33 17.26
N THR D 95 28.82 6.26 16.90
CA THR D 95 28.86 6.86 15.56
C THR D 95 29.86 6.15 14.61
N GLY D 96 29.82 6.53 13.33
CA GLY D 96 30.73 5.98 12.32
C GLY D 96 30.27 4.72 11.59
N ALA D 97 29.06 4.27 11.87
CA ALA D 97 28.48 3.15 11.18
C ALA D 97 27.27 3.58 10.37
N ASP D 98 26.95 4.87 10.43
CA ASP D 98 25.78 5.43 9.70
C ASP D 98 24.45 4.76 10.16
N LEU D 99 24.44 4.33 11.41
CA LEU D 99 23.27 3.69 11.96
C LEU D 99 22.25 4.73 12.45
N PRO D 100 20.94 4.42 12.33
CA PRO D 100 19.87 5.18 13.00
C PRO D 100 19.82 5.05 14.51
N CYS D 101 19.18 6.02 15.16
CA CYS D 101 18.73 5.81 16.50
C CYS D 101 17.49 4.91 16.46
N PHE D 102 17.20 4.25 17.58
CA PHE D 102 15.88 3.68 17.79
C PHE D 102 15.06 4.53 18.75
N GLY D 103 13.98 5.11 18.25
CA GLY D 103 13.11 5.94 19.08
C GLY D 103 11.69 5.44 19.26
N MET D 104 11.12 5.72 20.42
CA MET D 104 9.76 5.31 20.76
C MET D 104 9.09 6.40 21.60
N ASP D 105 7.80 6.56 21.38
CA ASP D 105 6.97 7.49 22.13
C ASP D 105 5.68 6.73 22.36
N LEU D 106 5.62 6.09 23.53
CA LEU D 106 4.49 5.27 23.89
C LEU D 106 3.57 6.13 24.78
N MET D 107 2.42 6.53 24.22
CA MET D 107 1.63 7.62 24.79
C MET D 107 0.18 7.24 25.13
N LYS D 108 -0.10 7.10 26.42
CA LYS D 108 -1.47 6.98 26.92
C LYS D 108 -1.93 8.36 27.39
N PHE D 109 -2.85 8.97 26.65
CA PHE D 109 -3.37 10.29 26.99
C PHE D 109 -4.58 10.26 27.93
N SER D 110 -5.35 9.18 27.88
CA SER D 110 -6.52 8.95 28.74
C SER D 110 -6.72 7.44 28.94
N ASP D 111 -7.85 7.03 29.51
CA ASP D 111 -8.20 5.59 29.56
C ASP D 111 -9.04 5.30 28.33
N LYS D 112 -9.03 6.28 27.45
CA LYS D 112 -9.71 6.24 26.17
C LYS D 112 -8.67 6.12 25.01
N LYS D 113 -7.56 6.85 25.09
CA LYS D 113 -6.73 7.12 23.92
C LYS D 113 -5.24 6.89 24.11
N VAL D 114 -4.71 5.90 23.39
CA VAL D 114 -3.25 5.76 23.26
C VAL D 114 -2.75 5.97 21.82
N ILE D 115 -1.58 6.58 21.71
CA ILE D 115 -0.84 6.60 20.44
C ILE D 115 0.51 5.92 20.68
N ILE D 116 0.73 4.79 20.00
CA ILE D 116 2.00 4.07 20.01
C ILE D 116 2.83 4.50 18.79
N VAL D 117 4.02 5.07 19.01
CA VAL D 117 4.95 5.34 17.89
C VAL D 117 6.32 4.73 18.17
N PHE D 118 6.85 3.95 17.23
CA PHE D 118 8.28 3.58 17.25
C PHE D 118 8.87 3.51 15.86
N ASP D 119 10.19 3.69 15.78
CA ASP D 119 10.86 3.91 14.50
C ASP D 119 12.37 3.88 14.62
N PHE D 120 13.02 3.57 13.49
CA PHE D 120 14.44 3.86 13.24
C PHE D 120 14.53 5.33 12.75
N GLN D 121 15.28 6.16 13.48
CA GLN D 121 15.37 7.59 13.19
C GLN D 121 16.79 7.98 12.78
N HIS D 122 16.99 8.09 11.47
CA HIS D 122 18.30 8.24 10.91
C HIS D 122 18.85 9.66 11.07
N PRO D 123 20.10 9.78 11.58
CA PRO D 123 20.74 11.09 11.77
C PRO D 123 20.87 11.94 10.49
N ARG D 124 21.08 11.31 9.34
CA ARG D 124 21.10 12.03 8.05
C ARG D 124 19.73 12.60 7.71
N GLU D 125 19.65 13.92 7.59
CA GLU D 125 18.40 14.54 7.14
C GLU D 125 18.12 14.20 5.69
N LYS D 126 16.83 14.15 5.34
CA LYS D 126 16.38 13.89 3.97
C LYS D 126 17.03 12.67 3.31
N TYR D 127 17.40 11.71 4.17
CA TYR D 127 17.76 10.37 3.75
C TYR D 127 16.65 9.43 4.25
N LEU D 128 16.01 8.72 3.31
CA LEU D 128 14.93 7.80 3.66
C LEU D 128 15.46 6.39 3.97
N PHE D 129 15.58 6.11 5.26
CA PHE D 129 16.01 4.81 5.74
C PHE D 129 14.85 3.79 5.71
N SER D 130 15.18 2.50 5.60
CA SER D 130 14.18 1.45 5.69
C SER D 130 14.82 0.07 5.89
N VAL D 131 13.99 -0.87 6.31
CA VAL D 131 14.40 -2.24 6.54
C VAL D 131 13.35 -3.10 5.86
N ASP D 132 13.65 -3.60 4.66
CA ASP D 132 12.73 -4.50 3.96
C ASP D 132 12.39 -5.70 4.84
N GLY D 133 11.12 -6.06 4.85
CA GLY D 133 10.62 -7.08 5.75
C GLY D 133 9.73 -6.50 6.84
N LEU D 134 9.95 -5.22 7.19
CA LEU D 134 9.18 -4.55 8.24
C LEU D 134 8.01 -3.77 7.63
N PRO D 135 6.94 -3.54 8.43
CA PRO D 135 5.78 -2.79 7.93
C PRO D 135 6.16 -1.43 7.36
N GLU D 136 5.46 -1.00 6.31
CA GLU D 136 5.77 0.28 5.65
C GLU D 136 4.68 1.34 5.87
N ASP D 137 5.09 2.60 5.96
CA ASP D 137 4.17 3.73 6.13
C ASP D 137 4.68 4.93 5.32
N ASP D 138 3.98 5.25 4.22
CA ASP D 138 4.44 6.28 3.28
C ASP D 138 4.12 7.73 3.65
N GLY D 139 3.54 7.93 4.84
CA GLY D 139 3.34 9.28 5.39
C GLY D 139 2.08 10.05 5.02
N LYS D 140 1.16 9.39 4.33
CA LYS D 140 -0.02 10.07 3.78
C LYS D 140 -0.91 10.76 4.82
N TYR D 141 -1.11 10.10 5.96
CA TYR D 141 -2.05 10.62 6.99
C TYR D 141 -1.31 10.83 8.30
N ARG D 142 -0.07 11.29 8.16
CA ARG D 142 0.94 11.11 9.20
C ARG D 142 1.65 12.42 9.59
N PHE D 143 1.22 13.02 10.71
CA PHE D 143 1.94 14.14 11.39
C PHE D 143 2.43 15.30 10.48
N PHE D 144 3.74 15.28 10.23
CA PHE D 144 4.48 16.32 9.50
C PHE D 144 5.21 15.63 8.32
N GLU D 145 6.32 16.22 7.85
CA GLU D 145 7.11 15.61 6.77
C GLU D 145 7.56 14.20 7.16
N MET D 146 7.46 13.27 6.22
CA MET D 146 7.77 11.87 6.51
C MET D 146 8.95 11.43 5.65
N GLY D 147 10.10 11.26 6.28
CA GLY D 147 11.34 10.93 5.57
C GLY D 147 12.50 11.83 5.92
N ASN D 148 12.32 12.59 7.01
CA ASN D 148 13.40 13.35 7.61
C ASN D 148 13.53 12.90 9.04
N HIS D 149 14.40 11.93 9.28
CA HIS D 149 14.60 11.41 10.64
C HIS D 149 13.46 10.47 11.05
N PHE D 150 12.57 10.19 10.13
CA PHE D 150 11.65 9.08 10.26
C PHE D 150 11.81 8.23 9.00
N SER D 151 12.01 6.95 9.20
CA SER D 151 12.15 5.96 8.14
C SER D 151 10.82 5.57 7.50
N LYS D 152 10.93 4.70 6.52
CA LYS D 152 9.77 4.20 5.77
C LYS D 152 8.96 3.22 6.60
N ASN D 153 9.57 2.65 7.63
CA ASN D 153 8.90 1.68 8.54
C ASN D 153 8.37 2.31 9.83
N ILE D 154 8.10 3.61 9.80
CA ILE D 154 7.59 4.27 10.99
C ILE D 154 6.29 3.57 11.38
N PHE D 155 6.18 3.25 12.66
CA PHE D 155 5.05 2.48 13.16
C PHE D 155 4.22 3.30 14.13
N VAL D 156 3.04 3.72 13.67
CA VAL D 156 2.15 4.54 14.49
C VAL D 156 0.83 3.77 14.57
N ARG D 157 0.39 3.47 15.79
CA ARG D 157 -0.95 2.91 16.01
C ARG D 157 -1.77 3.68 17.09
N TYR D 158 -3.04 3.93 16.76
CA TYR D 158 -4.01 4.51 17.66
C TYR D 158 -4.95 3.42 18.15
N CYS D 159 -4.91 3.05 19.43
CA CYS D 159 -5.91 2.13 19.96
C CYS D 159 -6.50 2.49 21.33
N LYS D 160 -6.45 1.54 22.28
CA LYS D 160 -6.95 1.71 23.64
C LYS D 160 -5.94 1.02 24.56
N PRO D 161 -5.86 1.46 25.83
CA PRO D 161 -4.85 0.93 26.77
C PRO D 161 -4.91 -0.57 27.02
N ASP D 162 -6.11 -1.12 26.89
CA ASP D 162 -6.36 -2.55 27.09
C ASP D 162 -6.05 -3.36 25.82
N GLU D 163 -5.31 -2.75 24.89
CA GLU D 163 -5.01 -3.36 23.60
C GLU D 163 -3.55 -3.16 23.16
N VAL D 164 -2.70 -2.66 24.06
CA VAL D 164 -1.36 -2.23 23.67
C VAL D 164 -0.40 -3.36 23.26
N ASP D 165 -0.53 -4.50 23.92
CA ASP D 165 0.32 -5.65 23.68
C ASP D 165 -0.01 -6.45 22.42
N GLN D 166 -0.96 -5.96 21.62
CA GLN D 166 -1.25 -6.56 20.32
C GLN D 166 -0.24 -6.12 19.24
N TYR D 167 0.57 -5.13 19.60
CA TYR D 167 1.68 -4.70 18.75
C TYR D 167 3.04 -5.01 19.39
N LEU D 168 3.03 -5.79 20.47
CA LEU D 168 4.29 -6.07 21.19
C LEU D 168 5.29 -6.91 20.39
N ASP D 169 4.79 -7.82 19.56
CA ASP D 169 5.67 -8.74 18.81
C ASP D 169 6.21 -8.04 17.57
N THR D 170 5.44 -7.07 17.06
CA THR D 170 5.98 -6.18 16.02
C THR D 170 7.15 -5.37 16.59
N PHE D 171 6.95 -4.79 17.78
CA PHE D 171 7.96 -4.02 18.51
C PHE D 171 9.19 -4.87 18.79
N LYS D 172 8.99 -6.14 19.14
CA LYS D 172 10.13 -7.04 19.27
C LYS D 172 10.78 -7.36 17.88
N LEU D 173 10.01 -7.40 16.80
CA LEU D 173 10.65 -7.54 15.46
C LEU D 173 11.59 -6.38 15.18
N TYR D 174 11.17 -5.14 15.51
CA TYR D 174 11.99 -3.94 15.20
C TYR D 174 13.23 -3.97 16.06
N LEU D 175 13.05 -4.47 17.28
CA LEU D 175 14.14 -4.61 18.25
C LEU D 175 15.21 -5.60 17.78
N THR D 176 14.78 -6.74 17.25
CA THR D 176 15.67 -7.78 16.71
C THR D 176 16.49 -7.27 15.55
N LYS D 177 15.83 -6.58 14.61
CA LYS D 177 16.55 -5.98 13.50
C LYS D 177 17.52 -4.89 13.96
N TYR D 178 17.11 -4.04 14.89
CA TYR D 178 18.02 -3.04 15.38
C TYR D 178 19.22 -3.70 16.02
N LYS D 179 18.97 -4.68 16.88
CA LYS D 179 20.12 -5.34 17.55
C LYS D 179 21.01 -5.93 16.45
N GLU D 180 20.40 -6.50 15.41
CA GLU D 180 21.25 -7.07 14.34
C GLU D 180 22.18 -6.06 13.66
N MET D 181 21.68 -4.88 13.30
CA MET D 181 22.55 -3.86 12.76
C MET D 181 23.63 -3.36 13.72
N ILE D 182 23.26 -3.18 14.99
CA ILE D 182 24.22 -2.86 16.04
C ILE D 182 25.33 -3.93 16.14
N ASP D 183 24.90 -5.16 16.38
CA ASP D 183 25.79 -6.30 16.49
C ASP D 183 26.65 -6.48 15.24
N ASN D 184 26.07 -6.22 14.07
CA ASN D 184 26.81 -6.36 12.82
C ASN D 184 27.94 -5.33 12.72
N ASN D 185 27.74 -4.11 13.18
CA ASN D 185 28.72 -3.03 12.93
C ASN D 185 29.68 -2.76 14.08
N LYS D 186 29.23 -3.04 15.30
CA LYS D 186 29.98 -2.68 16.48
C LYS D 186 30.57 -1.27 16.41
N PRO D 187 29.70 -0.24 16.29
CA PRO D 187 30.15 1.15 16.23
C PRO D 187 30.92 1.54 17.49
N VAL D 188 32.01 2.27 17.34
CA VAL D 188 32.82 2.72 18.46
C VAL D 188 32.98 4.25 18.55
N GLY D 189 32.58 4.97 17.50
CA GLY D 189 32.73 6.44 17.44
C GLY D 189 31.91 7.21 18.45
N GLU D 190 32.40 8.36 18.90
CA GLU D 190 31.72 9.17 19.95
C GLU D 190 31.41 10.65 19.58
N ASP D 191 31.33 10.92 18.29
CA ASP D 191 30.96 12.23 17.73
C ASP D 191 29.48 12.57 17.96
N THR D 192 29.18 13.23 19.07
CA THR D 192 27.78 13.56 19.33
C THR D 192 27.18 14.52 18.29
N THR D 193 28.02 15.22 17.55
CA THR D 193 27.49 16.21 16.59
C THR D 193 26.80 15.55 15.43
N VAL D 194 27.06 14.25 15.25
CA VAL D 194 26.36 13.46 14.24
C VAL D 194 24.84 13.66 14.39
N TYR D 195 24.37 13.85 15.64
CA TYR D 195 22.94 13.90 15.98
C TYR D 195 22.40 15.32 16.22
N SER D 196 23.16 16.33 15.82
CA SER D 196 22.78 17.71 16.06
C SER D 196 21.58 18.12 15.19
N ASP D 197 21.57 17.71 13.92
CA ASP D 197 20.41 17.96 13.08
C ASP D 197 19.20 17.19 13.59
N PHE D 198 19.38 15.93 13.94
CA PHE D 198 18.29 15.10 14.45
C PHE D 198 17.61 15.80 15.64
N ASP D 199 18.40 16.14 16.65
CA ASP D 199 17.91 16.75 17.91
C ASP D 199 17.29 18.12 17.70
N THR D 200 17.91 18.94 16.86
CA THR D 200 17.31 20.21 16.43
C THR D 200 15.91 19.95 15.91
N TYR D 201 15.84 19.05 14.94
CA TYR D 201 14.59 18.65 14.31
C TYR D 201 13.54 18.20 15.31
N MET D 202 13.92 17.26 16.16
CA MET D 202 13.00 16.70 17.16
C MET D 202 12.45 17.78 18.12
N THR D 203 13.33 18.63 18.64
CA THR D 203 12.94 19.77 19.47
C THR D 203 11.88 20.70 18.82
N GLU D 204 11.96 20.86 17.50
CA GLU D 204 11.07 21.77 16.78
C GLU D 204 9.71 21.13 16.40
N LEU D 205 9.50 19.89 16.82
CA LEU D 205 8.19 19.26 16.73
C LEU D 205 7.81 18.83 18.14
N ASP D 206 6.91 19.58 18.78
CA ASP D 206 6.98 19.63 20.25
C ASP D 206 5.92 18.97 21.15
N PRO D 207 4.75 19.61 21.36
CA PRO D 207 4.01 19.68 22.62
C PRO D 207 4.62 18.98 23.84
N VAL D 208 5.95 18.96 23.90
CA VAL D 208 6.69 18.53 25.07
C VAL D 208 7.16 19.78 25.81
N ARG D 209 6.82 20.95 25.27
CA ARG D 209 6.83 22.20 26.02
C ARG D 209 5.54 22.24 26.85
N GLY D 210 4.43 22.57 26.18
CA GLY D 210 3.11 22.69 26.81
C GLY D 210 2.75 21.71 27.92
N TYR D 211 3.08 20.44 27.70
CA TYR D 211 2.73 19.40 28.65
C TYR D 211 3.61 19.46 29.89
N MET D 212 4.91 19.66 29.69
CA MET D 212 5.85 19.72 30.80
C MET D 212 5.78 21.04 31.58
N LYS D 213 5.48 22.13 30.88
CA LYS D 213 5.30 23.45 31.48
C LYS D 213 4.08 23.44 32.39
N ASN D 214 2.95 23.05 31.81
CA ASN D 214 1.68 22.88 32.52
C ASN D 214 1.86 22.16 33.84
N LYS D 215 2.52 21.00 33.80
CA LYS D 215 2.61 20.15 34.98
C LYS D 215 3.78 20.41 35.93
N PHE D 216 4.88 20.93 35.38
CA PHE D 216 6.15 21.05 36.12
C PHE D 216 6.72 22.48 36.18
N GLY D 217 6.23 23.34 35.32
CA GLY D 217 6.71 24.72 35.27
C GLY D 217 7.66 24.90 34.11
N GLU D 218 7.96 26.16 33.79
CA GLU D 218 8.64 26.49 32.55
C GLU D 218 10.16 26.27 32.58
N GLY D 219 10.80 26.48 33.72
CA GLY D 219 12.23 26.21 33.84
C GLY D 219 12.50 24.71 33.74
N ARG D 220 11.62 23.91 34.35
CA ARG D 220 11.72 22.45 34.32
C ARG D 220 11.44 21.86 32.94
N SER D 221 10.36 22.32 32.30
CA SER D 221 10.08 21.93 30.91
C SER D 221 11.24 22.23 29.95
N GLU D 222 11.78 23.44 30.05
CA GLU D 222 12.85 23.88 29.16
C GLU D 222 14.11 22.99 29.38
N ALA D 223 14.51 22.85 30.63
CA ALA D 223 15.59 21.94 30.98
C ALA D 223 15.39 20.54 30.41
N PHE D 224 14.19 19.98 30.60
CA PHE D 224 13.87 18.64 30.18
C PHE D 224 14.10 18.43 28.69
N VAL D 225 13.52 19.32 27.89
CA VAL D 225 13.65 19.27 26.45
C VAL D 225 15.11 19.43 25.91
N ASN D 226 15.82 20.42 26.42
CA ASN D 226 17.09 20.86 25.86
C ASN D 226 18.33 20.22 26.48
N ASP D 227 18.19 19.69 27.69
CA ASP D 227 19.34 19.17 28.46
C ASP D 227 19.27 17.65 28.67
N PHE D 228 18.08 17.09 28.49
CA PHE D 228 17.90 15.65 28.59
C PHE D 228 17.40 15.04 27.26
N LEU D 229 16.20 15.45 26.82
CA LEU D 229 15.62 14.81 25.66
C LEU D 229 16.45 14.98 24.39
N PHE D 230 16.91 16.20 24.12
CA PHE D 230 17.52 16.55 22.83
C PHE D 230 18.72 17.49 22.98
N SER D 231 19.69 16.99 23.73
CA SER D 231 20.81 17.75 24.21
C SER D 231 22.01 17.77 23.27
N TYR D 232 21.91 17.07 22.15
CA TYR D 232 23.00 17.02 21.18
C TYR D 232 22.96 18.13 20.10
N LYS D 233 21.89 18.92 20.07
CA LYS D 233 21.76 20.11 19.18
C LYS D 233 23.02 20.97 19.15
CHA BLA E . 6.14 -19.18 -10.70
NA BLA E . 6.36 -21.58 -10.16
C1A BLA E . 6.65 -20.45 -10.91
C2A BLA E . 7.54 -20.86 -11.95
C3A BLA E . 7.76 -22.23 -11.77
C4A BLA E . 6.99 -22.63 -10.63
CMA BLA E . 8.65 -23.10 -12.60
CAA BLA E . 8.20 -19.94 -13.03
CBA BLA E . 7.59 -20.06 -14.44
CGA BLA E . 6.15 -19.67 -14.53
O1A BLA E . 5.75 -18.69 -13.85
O2A BLA E . 5.45 -20.35 -15.30
CHB BLA E . 6.89 -24.01 -10.08
NB BLA E . 5.64 -23.50 -8.01
C1B BLA E . 6.21 -24.38 -8.96
C2B BLA E . 5.97 -25.75 -8.47
C3B BLA E . 5.26 -25.64 -7.31
C4B BLA E . 5.06 -24.22 -7.01
CMB BLA E . 6.38 -27.00 -9.13
OB BLA E . 4.47 -23.74 -6.04
CAB BLA E . 4.79 -26.73 -6.46
CBB BLA E . 4.10 -26.65 -5.39
NC BLA E . 2.43 -21.68 -8.56
C1C BLA E . 1.80 -22.87 -8.40
C2C BLA E . 1.22 -22.94 -7.01
C3C BLA E . 1.53 -21.74 -6.42
C4C BLA E . 2.31 -20.97 -7.42
CMC BLA E . 0.46 -24.08 -6.46
OC BLA E . 1.75 -23.73 -9.26
CAC BLA E . 1.22 -21.21 -5.05
CBC BLA E . 0.66 -21.75 -4.04
CHD BLA E . 2.78 -19.73 -7.25
ND BLA E . 4.46 -19.76 -8.98
C1D BLA E . 3.68 -19.12 -8.14
C2D BLA E . 3.80 -17.69 -8.38
C3D BLA E . 4.74 -17.50 -9.35
C4D BLA E . 5.20 -18.81 -9.75
CMD BLA E . 3.04 -16.67 -7.64
CAD BLA E . 5.17 -16.11 -9.86
CBD BLA E . 6.55 -16.03 -10.48
CGD BLA E . 6.80 -14.63 -10.90
O1D BLA E . 7.14 -13.81 -10.01
O2D BLA E . 6.64 -14.36 -12.11
CHA BLA F . 9.37 -5.26 -19.95
NA BLA F . 9.62 -5.42 -22.39
C1A BLA F . 9.49 -5.95 -21.13
C2A BLA F . 9.45 -7.36 -21.24
C3A BLA F . 9.59 -7.64 -22.59
C4A BLA F . 9.69 -6.40 -23.28
CMA BLA F . 9.60 -8.98 -23.26
CAA BLA F . 9.28 -8.44 -20.09
CBA BLA F . 10.22 -9.67 -20.33
CGA BLA F . 10.03 -10.78 -19.34
O1A BLA F . 10.75 -10.75 -18.31
O2A BLA F . 9.18 -11.64 -19.63
CHB BLA F . 9.85 -6.29 -24.76
NB BLA F . 9.62 -3.87 -25.23
C1B BLA F . 9.77 -5.21 -25.58
C2B BLA F . 9.81 -5.27 -27.08
C3B BLA F . 9.69 -4.00 -27.54
C4B BLA F . 9.56 -3.12 -26.39
CMB BLA F . 9.97 -6.51 -27.85
OB BLA F . 9.42 -1.89 -26.45
CAB BLA F . 9.65 -3.54 -28.94
CBB BLA F . 9.71 -4.18 -30.05
NC BLA F . 10.02 -0.04 -22.27
C1C BLA F . 10.04 0.93 -23.23
C2C BLA F . 9.18 2.08 -22.78
C3C BLA F . 8.70 1.74 -21.55
C4C BLA F . 9.23 0.36 -21.25
CMC BLA F . 8.92 3.34 -23.55
OC BLA F . 10.65 0.84 -24.29
CAC BLA F . 7.80 2.46 -20.62
CBC BLA F . 7.16 3.56 -20.74
CHD BLA F . 8.98 -0.29 -20.09
ND BLA F . 9.20 -2.74 -20.48
C1D BLA F . 9.08 -1.66 -19.70
C2D BLA F . 9.07 -2.08 -18.29
C3D BLA F . 9.17 -3.44 -18.28
C4D BLA F . 9.26 -3.90 -19.63
CMD BLA F . 8.94 -1.20 -17.11
CAD BLA F . 9.19 -4.33 -17.00
CBD BLA F . 7.82 -4.97 -16.76
CGD BLA F . 7.88 -5.81 -15.53
O1D BLA F . 7.82 -7.06 -15.67
O2D BLA F . 8.02 -5.20 -14.44
CHA BLA G . -13.23 13.83 11.55
NA BLA G . -15.44 14.85 11.36
C1A BLA G . -14.16 14.79 11.89
C2A BLA G . -14.03 15.87 12.80
C3A BLA G . -15.25 16.57 12.78
C4A BLA G . -16.10 15.89 11.84
CMA BLA G . -15.62 17.79 13.58
CAA BLA G . -12.73 16.21 13.63
CBA BLA G . -12.02 17.42 12.99
CGA BLA G . -10.74 17.88 13.61
O1A BLA G . -9.68 17.64 12.97
O2A BLA G . -10.80 18.48 14.71
CHB BLA G . -17.49 16.22 11.49
NB BLA G . -17.81 14.55 9.71
C1B BLA G . -18.24 15.57 10.55
C2B BLA G . -19.66 15.86 10.17
C3B BLA G . -20.00 15.00 9.20
C4B BLA G . -18.84 14.18 8.89
CMB BLA G . -20.53 16.86 10.80
OB BLA G . -18.78 13.30 8.03
CAB BLA G . -21.31 14.93 8.55
CBB BLA G . -21.75 14.09 7.68
NC BLA G . -17.36 10.91 10.44
C1C BLA G . -18.73 10.73 10.46
C2C BLA G . -19.14 10.07 9.18
C3C BLA G . -18.00 9.86 8.46
C4C BLA G . -16.88 10.43 9.27
CMC BLA G . -20.53 9.70 8.81
OC BLA G . -19.45 11.06 11.37
CAC BLA G . -17.86 9.26 7.11
CBC BLA G . -18.73 8.86 6.27
CHD BLA G . -15.58 10.41 8.94
ND BLA G . -14.71 12.21 10.32
C1D BLA G . -14.55 11.18 9.52
C2D BLA G . -13.13 10.94 9.35
C3D BLA G . -12.45 11.87 10.08
C4D BLA G . -13.43 12.74 10.69
CMD BLA G . -12.57 9.86 8.51
CAD BLA G . -10.89 11.97 10.10
CBD BLA G . -10.26 12.31 11.43
CGD BLA G . -8.77 12.43 11.30
O1D BLA G . -8.15 12.87 12.29
O2D BLA G . -8.27 12.06 10.21
CHA BLA H . 2.53 12.85 18.10
NA BLA H . 2.82 13.45 20.50
C1A BLA H . 2.17 13.47 19.28
C2A BLA H . 1.07 14.34 19.36
C3A BLA H . 1.04 14.82 20.65
C4A BLA H . 2.16 14.23 21.33
CMA BLA H . 0.04 15.77 21.24
CAA BLA H . 0.08 14.70 18.23
CBA BLA H . -0.81 13.50 17.83
CGA BLA H . -1.75 13.90 16.74
O1A BLA H . -1.27 14.50 15.76
O2A BLA H . -2.96 13.59 16.89
CHB BLA H . 2.49 14.51 22.74
NB BLA H . 4.63 13.33 23.08
C1B BLA H . 3.58 14.14 23.46
C2B BLA H . 3.83 14.58 24.86
C3B BLA H . 5.00 14.04 25.24
C4B BLA H . 5.51 13.25 24.13
CMB BLA H . 2.96 15.48 25.64
OB BLA H . 6.56 12.59 24.12
CAB BLA H . 5.62 14.23 26.56
CBB BLA H . 6.73 13.79 27.02
NC BLA H . 8.02 12.03 19.27
C1C BLA H . 9.11 11.83 20.07
C2C BLA H . 9.77 10.53 19.69
C3C BLA H . 9.04 10.01 18.65
C4C BLA H . 7.91 10.97 18.43
CMC BLA H . 10.97 9.95 20.33
OC BLA H . 9.46 12.61 20.93
CAC BLA H . 9.17 8.74 17.89
CBC BLA H . 9.97 7.74 17.92
CHD BLA H . 7.00 10.79 17.46
ND BLA H . 4.94 11.93 18.24
C1D BLA H . 5.68 11.28 17.34
C2D BLA H . 4.93 11.09 16.11
C3D BLA H . 3.70 11.65 16.30
C4D BLA H . 3.65 12.19 17.62
CMD BLA H . 5.43 10.40 14.90
CAD BLA H . 2.55 11.71 15.26
CBD BLA H . 1.78 10.41 15.14
CGD BLA H . 0.76 10.55 14.05
O1D BLA H . 1.20 10.88 12.92
O2D BLA H . -0.43 10.31 14.33
#